data_8A9I
#
_entry.id   8A9I
#
_cell.length_a   56.157
_cell.length_b   133.292
_cell.length_c   152.460
_cell.angle_alpha   90.000
_cell.angle_beta   90.000
_cell.angle_gamma   90.000
#
_symmetry.space_group_name_H-M   'P 21 21 21'
#
loop_
_entity.id
_entity.type
_entity.pdbx_description
1 polymer 'Phosphatidylinositol 4-phosphate 3-kinase C2 domain-containing subunit alpha'
2 non-polymer 2-[4-oxidanylidene-3-(2-phenylethyl)pteridin-2-yl]sulfanyl-~{N}-(1,3-thiazol-2-yl)ethanamide
3 non-polymer 1,2-ETHANEDIOL
4 non-polymer 'SULFATE ION'
5 water water
#
_entity_poly.entity_id   1
_entity_poly.type   'polypeptide(L)'
_entity_poly.pdbx_seq_one_letter_code
;GAVQNDEVAAFCQSIMKLKTKFPYTDHCTNPGYLLSPVTVQRNMCGENASVKVSIEIEGLQLPVTFTCDVSSTVEIIIMQ
ALCWVHDDLNQVDVGSYILKVCGQEEVLQNNHCLGSHEHIQNCRKWDTEIKLQLLTLSAMCQNLARTAEDDEAPVDLNGS
GSVMTRHSAGAGSGASTGCPRGSRNIKEAWTATEQLQFTVYAAHGISSNWVSNYEKYYLICSLSHNGKDLFKPIQSKKVG
TYKNAAYLIKWDELIIFPIQISQLPLESVLHLTLFGVLNQSSGSSPDSNKQRKGPEALGKVSLTLFDFKRFLTCGTKLAY
LWTSSHTNSIPGAIPKKSYVMERIVLQVDFPSPAFDIIYTSPQIDRNIIQQDKLETLESDIKGKLLDIIHRDSSFGLSKE
DKVFLWENRYYCLKHPNCLPKILASAPNWKWANLAKTYSLLHQWPPLCPLAALELLDAKFADQEVRSLAVSWMEAISDDE
LADLLPQFVQALKYEIYLNSSLVRFLLSRALGNIQIAHSLYWLLKDALHDTHFGSRYEHVLGALLSVGGKGLREELSKQM
KLVQLLGGVAEKVRQASGSTRQVVLQKSMERVQSFFLRNKCRLPLKPSLVAKELNIKSCSFFSSNAMPLKVTMVNADPLG
EEINVMFKVGEDLRQDMLALQMIKIMDKIWLKEGLDLRMVIFRCLSTGRDRGMVELVPASDTLRKIQVEYGVTGSFKDKP
LAEWLRKYNPSEEEYEKASENFIYSCAGCCVATYVLGICDRHNDNIMLRSTGHMFHIDFGKFLGHAQMFGSFKRDRAPFV
LTSDMAYVINGGEKPTIRFQLFVDLCCQAYNLIRKQTNLFLNLLSLMIPSGLPELTSIQDLKYVRDALQPQTTDAEATIF
FTRLIESSLGSIATKFNFFIHNLAQLRFSG
;
_entity_poly.pdbx_strand_id   A
#
# COMPACT_ATOMS: atom_id res chain seq x y z
N ALA A 2 -29.25 16.56 5.45
CA ALA A 2 -30.51 16.34 4.68
C ALA A 2 -30.21 15.60 3.37
N VAL A 3 -29.15 16.06 2.66
CA VAL A 3 -28.68 15.45 1.42
C VAL A 3 -27.55 14.45 1.72
N GLN A 4 -26.76 14.74 2.77
CA GLN A 4 -25.63 13.88 3.13
C GLN A 4 -26.13 12.63 3.89
N ASN A 5 -27.26 12.72 4.63
CA ASN A 5 -27.98 11.60 5.23
C ASN A 5 -28.58 10.71 4.13
N ASP A 6 -29.02 11.34 3.03
CA ASP A 6 -29.61 10.68 1.87
C ASP A 6 -28.52 9.93 1.08
N GLU A 7 -27.32 10.55 0.98
CA GLU A 7 -26.17 9.95 0.32
C GLU A 7 -25.75 8.67 1.02
N VAL A 8 -25.76 8.70 2.35
CA VAL A 8 -25.42 7.58 3.20
C VAL A 8 -26.46 6.45 3.05
N ALA A 9 -27.73 6.85 2.92
CA ALA A 9 -28.84 5.93 2.70
C ALA A 9 -28.73 5.22 1.36
N ALA A 10 -28.40 5.98 0.30
CA ALA A 10 -28.27 5.51 -1.07
C ALA A 10 -27.06 4.60 -1.22
N PHE A 11 -25.98 4.93 -0.48
CA PHE A 11 -24.77 4.12 -0.38
C PHE A 11 -25.11 2.72 0.14
N CYS A 12 -25.82 2.67 1.27
CA CYS A 12 -26.16 1.44 1.97
C CYS A 12 -27.01 0.53 1.09
N GLN A 13 -27.89 1.12 0.28
CA GLN A 13 -28.79 0.33 -0.55
C GLN A 13 -28.05 -0.33 -1.72
N SER A 14 -27.04 0.38 -2.27
CA SER A 14 -26.19 -0.15 -3.32
C SER A 14 -25.23 -1.22 -2.78
N ILE A 15 -24.80 -1.09 -1.50
CA ILE A 15 -24.01 -2.08 -0.78
C ILE A 15 -24.87 -3.31 -0.49
N MET A 16 -26.17 -3.10 -0.23
CA MET A 16 -27.13 -4.18 0.02
C MET A 16 -27.34 -5.00 -1.25
N LYS A 17 -27.19 -4.39 -2.44
CA LYS A 17 -27.37 -5.04 -3.73
C LYS A 17 -26.04 -5.52 -4.32
N LEU A 18 -24.91 -5.11 -3.71
CA LEU A 18 -23.61 -5.71 -3.98
C LEU A 18 -23.52 -7.08 -3.29
N LYS A 19 -24.08 -7.13 -2.06
CA LYS A 19 -24.12 -8.32 -1.21
C LYS A 19 -24.85 -9.47 -1.91
N THR A 20 -25.83 -9.11 -2.75
CA THR A 20 -26.64 -10.09 -3.47
C THR A 20 -25.81 -10.93 -4.43
N LYS A 21 -24.73 -10.35 -4.98
CA LYS A 21 -23.79 -11.04 -5.87
C LYS A 21 -22.92 -12.04 -5.11
N PHE A 22 -22.89 -11.94 -3.77
CA PHE A 22 -22.08 -12.77 -2.90
C PHE A 22 -22.97 -13.55 -1.90
N PRO A 23 -23.69 -14.61 -2.33
CA PRO A 23 -24.38 -15.51 -1.40
C PRO A 23 -23.41 -16.35 -0.59
N TYR A 24 -23.83 -16.75 0.63
CA TYR A 24 -22.98 -17.47 1.58
C TYR A 24 -22.69 -18.89 1.10
N THR A 25 -23.47 -19.37 0.12
CA THR A 25 -23.39 -20.73 -0.41
C THR A 25 -22.21 -20.91 -1.37
N ASP A 26 -21.92 -19.86 -2.17
CA ASP A 26 -20.84 -19.85 -3.15
C ASP A 26 -19.49 -19.87 -2.42
N HIS A 27 -18.88 -21.07 -2.35
CA HIS A 27 -17.60 -21.33 -1.70
C HIS A 27 -16.45 -20.57 -2.37
N CYS A 28 -16.54 -20.38 -3.69
CA CYS A 28 -15.61 -19.62 -4.51
C CYS A 28 -15.26 -18.27 -3.86
N THR A 29 -16.31 -17.52 -3.50
CA THR A 29 -16.23 -16.17 -2.97
C THR A 29 -16.42 -16.16 -1.46
N ASN A 30 -16.90 -17.28 -0.87
CA ASN A 30 -17.07 -17.41 0.57
C ASN A 30 -16.42 -18.70 1.04
N PRO A 31 -15.07 -18.81 1.01
CA PRO A 31 -14.40 -20.03 1.45
C PRO A 31 -14.42 -20.25 2.96
N GLY A 32 -14.19 -19.17 3.72
CA GLY A 32 -14.11 -19.26 5.18
C GLY A 32 -12.67 -19.36 5.70
N TYR A 33 -11.71 -19.43 4.77
CA TYR A 33 -10.27 -19.55 5.06
C TYR A 33 -9.50 -18.61 4.15
N LEU A 34 -8.29 -18.21 4.59
CA LEU A 34 -7.35 -17.43 3.79
C LEU A 34 -6.73 -18.32 2.72
N LEU A 35 -6.55 -17.77 1.52
CA LEU A 35 -5.85 -18.44 0.42
C LEU A 35 -4.37 -18.08 0.54
N SER A 36 -3.47 -19.09 0.55
CA SER A 36 -2.03 -18.91 0.53
C SER A 36 -1.65 -18.10 -0.72
N PRO A 37 -0.98 -16.93 -0.57
CA PRO A 37 -0.74 -16.02 -1.69
C PRO A 37 0.26 -16.58 -2.71
N VAL A 38 0.06 -16.22 -3.98
CA VAL A 38 0.88 -16.61 -5.12
C VAL A 38 1.39 -15.35 -5.83
N THR A 39 2.64 -15.40 -6.31
CA THR A 39 3.24 -14.35 -7.13
C THR A 39 3.84 -15.00 -8.36
N VAL A 40 3.10 -15.00 -9.47
CA VAL A 40 3.49 -15.71 -10.68
C VAL A 40 4.93 -15.32 -11.09
N GLN A 41 5.75 -16.36 -11.33
CA GLN A 41 7.18 -16.23 -11.58
C GLN A 41 7.48 -16.97 -12.89
N ARG A 42 7.80 -16.21 -13.94
CA ARG A 42 7.63 -16.63 -15.33
C ARG A 42 8.02 -18.10 -15.51
N ALA A 49 13.05 -27.51 -12.31
CA ALA A 49 13.23 -27.25 -10.86
C ALA A 49 12.37 -28.23 -10.04
N SER A 50 13.01 -28.83 -9.02
CA SER A 50 12.43 -29.84 -8.13
C SER A 50 12.43 -29.32 -6.69
N VAL A 51 11.43 -29.73 -5.91
CA VAL A 51 11.36 -29.52 -4.47
C VAL A 51 10.83 -30.77 -3.78
N LYS A 52 11.28 -31.02 -2.53
CA LYS A 52 10.66 -32.02 -1.68
C LYS A 52 9.55 -31.36 -0.87
N VAL A 53 8.40 -32.01 -0.82
CA VAL A 53 7.26 -31.60 -0.02
C VAL A 53 6.89 -32.74 0.93
N SER A 54 6.46 -32.36 2.15
CA SER A 54 6.11 -33.30 3.21
C SER A 54 4.64 -33.10 3.57
N ILE A 55 3.80 -34.01 3.07
CA ILE A 55 2.35 -33.96 3.21
C ILE A 55 1.87 -34.92 4.31
N GLU A 56 1.16 -34.39 5.32
CA GLU A 56 0.48 -35.17 6.35
C GLU A 56 -0.86 -35.65 5.80
N ILE A 57 -1.06 -36.98 5.84
CA ILE A 57 -2.26 -37.63 5.32
C ILE A 57 -2.92 -38.36 6.48
N GLU A 58 -4.26 -38.18 6.56
CA GLU A 58 -5.19 -38.82 7.48
C GLU A 58 -5.08 -40.34 7.36
N GLY A 59 -4.80 -41.04 8.48
CA GLY A 59 -4.62 -42.49 8.46
C GLY A 59 -3.16 -42.95 8.59
N LEU A 60 -2.26 -42.37 7.78
CA LEU A 60 -0.82 -42.61 7.88
C LEU A 60 -0.23 -41.97 9.14
N GLN A 61 0.73 -42.69 9.75
CA GLN A 61 1.46 -42.30 10.95
C GLN A 61 2.65 -41.39 10.61
N LEU A 62 3.28 -41.65 9.45
CA LEU A 62 4.33 -40.82 8.88
C LEU A 62 3.77 -40.01 7.69
N PRO A 63 4.18 -38.73 7.50
CA PRO A 63 3.81 -37.98 6.30
C PRO A 63 4.62 -38.46 5.09
N VAL A 64 3.96 -38.51 3.92
CA VAL A 64 4.61 -38.91 2.67
C VAL A 64 5.47 -37.75 2.19
N THR A 65 6.77 -38.02 2.00
CA THR A 65 7.72 -37.05 1.47
C THR A 65 8.20 -37.51 0.09
N PHE A 66 7.87 -36.71 -0.94
CA PHE A 66 8.30 -36.95 -2.32
C PHE A 66 8.70 -35.65 -2.98
N THR A 67 9.41 -35.77 -4.11
CA THR A 67 9.86 -34.62 -4.89
C THR A 67 8.77 -34.29 -5.92
N CYS A 68 8.42 -32.99 -5.98
CA CYS A 68 7.46 -32.45 -6.94
C CYS A 68 8.20 -31.53 -7.89
N ASP A 69 7.71 -31.47 -9.14
CA ASP A 69 8.12 -30.46 -10.11
C ASP A 69 7.49 -29.12 -9.71
N VAL A 70 8.36 -28.11 -9.50
CA VAL A 70 8.00 -26.77 -9.04
C VAL A 70 6.95 -26.17 -9.96
N SER A 71 7.05 -26.49 -11.26
CA SER A 71 6.19 -25.96 -12.30
C SER A 71 4.77 -26.55 -12.25
N SER A 72 4.63 -27.74 -11.66
CA SER A 72 3.37 -28.50 -11.66
C SER A 72 2.34 -27.85 -10.73
N THR A 73 1.05 -27.96 -11.09
CA THR A 73 -0.08 -27.31 -10.41
C THR A 73 -0.42 -28.05 -9.11
N VAL A 74 -0.96 -27.32 -8.12
CA VAL A 74 -1.32 -27.84 -6.80
C VAL A 74 -2.34 -28.98 -6.95
N GLU A 75 -3.24 -28.85 -7.93
CA GLU A 75 -4.29 -29.83 -8.23
C GLU A 75 -3.71 -31.23 -8.41
N ILE A 76 -2.63 -31.32 -9.20
CA ILE A 76 -2.04 -32.60 -9.58
C ILE A 76 -1.12 -33.12 -8.45
N ILE A 77 -0.59 -32.19 -7.63
CA ILE A 77 0.21 -32.53 -6.46
C ILE A 77 -0.67 -33.15 -5.40
N ILE A 78 -1.94 -32.74 -5.34
CA ILE A 78 -2.94 -33.27 -4.43
C ILE A 78 -3.20 -34.74 -4.76
N MET A 79 -3.28 -35.07 -6.06
CA MET A 79 -3.56 -36.43 -6.50
C MET A 79 -2.29 -37.18 -6.86
N GLN A 80 -1.12 -36.52 -6.80
CA GLN A 80 0.16 -37.19 -6.67
C GLN A 80 0.27 -37.80 -5.27
N ALA A 81 -0.21 -37.06 -4.26
CA ALA A 81 -0.24 -37.47 -2.86
C ALA A 81 -1.28 -38.57 -2.65
N LEU A 82 -2.37 -38.53 -3.43
CA LEU A 82 -3.44 -39.53 -3.36
C LEU A 82 -3.01 -40.85 -4.03
N CYS A 83 -2.13 -40.77 -5.04
CA CYS A 83 -1.52 -41.91 -5.73
C CYS A 83 -0.55 -42.67 -4.83
N TRP A 84 0.06 -41.96 -3.87
CA TRP A 84 0.97 -42.54 -2.88
C TRP A 84 0.22 -43.42 -1.88
N VAL A 85 -1.03 -43.06 -1.50
CA VAL A 85 -1.80 -43.78 -0.50
C VAL A 85 -2.69 -44.82 -1.19
N HIS A 86 -3.37 -44.41 -2.28
CA HIS A 86 -4.35 -45.23 -2.99
C HIS A 86 -3.76 -45.72 -4.32
N ASP A 87 -3.92 -47.01 -4.63
CA ASP A 87 -3.41 -47.52 -5.90
C ASP A 87 -4.34 -47.03 -7.00
N ASP A 88 -5.63 -46.84 -6.66
CA ASP A 88 -6.63 -46.34 -7.60
C ASP A 88 -7.40 -45.23 -6.91
N LEU A 89 -7.41 -44.05 -7.53
CA LEU A 89 -7.96 -42.85 -6.91
C LEU A 89 -9.29 -42.49 -7.56
N ASN A 90 -10.06 -43.53 -7.96
CA ASN A 90 -11.31 -43.32 -8.67
C ASN A 90 -12.49 -43.16 -7.72
N GLN A 91 -12.41 -43.77 -6.54
CA GLN A 91 -13.50 -43.65 -5.56
C GLN A 91 -13.12 -42.75 -4.38
N VAL A 92 -12.03 -41.98 -4.50
CA VAL A 92 -11.51 -41.19 -3.38
C VAL A 92 -12.01 -39.72 -3.42
N ASP A 93 -12.88 -39.35 -4.35
CA ASP A 93 -13.42 -37.98 -4.38
C ASP A 93 -12.26 -36.97 -4.33
N VAL A 94 -11.41 -36.98 -5.37
CA VAL A 94 -10.20 -36.17 -5.40
C VAL A 94 -10.52 -34.67 -5.24
N GLY A 95 -11.64 -34.21 -5.81
CA GLY A 95 -12.00 -32.80 -5.81
C GLY A 95 -12.12 -32.23 -4.39
N SER A 96 -12.70 -33.02 -3.47
CA SER A 96 -12.95 -32.54 -2.10
C SER A 96 -11.65 -32.16 -1.39
N TYR A 97 -10.58 -32.94 -1.59
CA TYR A 97 -9.30 -32.74 -0.89
C TYR A 97 -8.62 -31.43 -1.30
N ILE A 98 -7.95 -30.76 -0.34
CA ILE A 98 -7.19 -29.51 -0.60
C ILE A 98 -5.84 -29.62 0.12
N LEU A 99 -4.92 -28.68 -0.12
CA LEU A 99 -3.64 -28.67 0.57
C LEU A 99 -3.49 -27.35 1.33
N LYS A 100 -3.21 -27.46 2.63
CA LYS A 100 -2.94 -26.30 3.49
C LYS A 100 -1.49 -26.36 3.98
N VAL A 101 -0.91 -25.19 4.29
CA VAL A 101 0.39 -25.09 4.94
C VAL A 101 0.23 -25.59 6.38
N CYS A 102 1.20 -26.40 6.86
CA CYS A 102 1.18 -26.88 8.23
C CYS A 102 1.44 -25.73 9.19
N GLY A 103 0.51 -25.54 10.13
CA GLY A 103 0.59 -24.52 11.18
C GLY A 103 -0.29 -23.31 10.87
N GLN A 104 -0.29 -22.95 9.58
CA GLN A 104 -0.94 -21.76 9.06
C GLN A 104 -2.28 -22.16 8.43
N GLU A 105 -3.37 -21.49 8.87
CA GLU A 105 -4.71 -21.72 8.35
C GLU A 105 -4.87 -20.97 7.03
N GLU A 106 -4.05 -21.34 6.03
CA GLU A 106 -4.11 -20.86 4.66
C GLU A 106 -4.05 -22.08 3.71
N VAL A 107 -4.90 -22.07 2.67
CA VAL A 107 -5.09 -23.16 1.72
C VAL A 107 -4.40 -22.78 0.41
N LEU A 108 -3.59 -23.69 -0.16
CA LEU A 108 -2.95 -23.52 -1.46
C LEU A 108 -4.00 -23.51 -2.57
N GLN A 109 -3.74 -22.72 -3.63
CA GLN A 109 -4.66 -22.52 -4.73
C GLN A 109 -4.42 -23.58 -5.81
N ASN A 110 -5.48 -24.36 -6.12
CA ASN A 110 -5.40 -25.60 -6.87
C ASN A 110 -4.90 -25.41 -8.30
N ASN A 111 -5.22 -24.25 -8.89
CA ASN A 111 -4.96 -24.03 -10.31
CA ASN A 111 -5.03 -23.91 -10.29
C ASN A 111 -3.72 -23.15 -10.51
N HIS A 112 -2.88 -23.06 -9.46
CA HIS A 112 -1.60 -22.35 -9.51
C HIS A 112 -0.45 -23.33 -9.32
N CYS A 113 0.71 -23.05 -9.94
CA CYS A 113 1.92 -23.85 -9.79
C CYS A 113 2.35 -23.82 -8.33
N LEU A 114 2.96 -24.91 -7.87
CA LEU A 114 3.52 -24.97 -6.53
C LEU A 114 4.58 -23.88 -6.34
N GLY A 115 5.41 -23.65 -7.37
CA GLY A 115 6.46 -22.63 -7.37
C GLY A 115 5.96 -21.20 -7.22
N SER A 116 4.71 -20.93 -7.66
CA SER A 116 4.03 -19.63 -7.58
C SER A 116 3.84 -19.16 -6.15
N HIS A 117 3.49 -20.11 -5.25
CA HIS A 117 3.13 -19.83 -3.88
C HIS A 117 4.28 -19.23 -3.09
N GLU A 118 4.00 -18.17 -2.34
CA GLU A 118 4.98 -17.40 -1.58
C GLU A 118 5.68 -18.28 -0.54
N HIS A 119 4.91 -19.22 0.04
CA HIS A 119 5.41 -20.11 1.07
C HIS A 119 6.48 -21.06 0.51
N ILE A 120 6.25 -21.56 -0.72
CA ILE A 120 7.18 -22.45 -1.42
C ILE A 120 8.45 -21.68 -1.82
N GLN A 121 8.29 -20.45 -2.33
CA GLN A 121 9.39 -19.55 -2.65
C GLN A 121 10.26 -19.26 -1.42
N ASN A 122 9.65 -19.00 -0.26
CA ASN A 122 10.34 -18.66 0.98
C ASN A 122 11.13 -19.85 1.50
N CYS A 123 10.47 -21.02 1.54
CA CYS A 123 11.09 -22.27 1.96
C CYS A 123 12.32 -22.58 1.12
N ARG A 124 12.20 -22.38 -0.19
CA ARG A 124 13.28 -22.59 -1.13
C ARG A 124 14.47 -21.67 -0.82
N LYS A 125 14.18 -20.41 -0.47
CA LYS A 125 15.20 -19.43 -0.19
C LYS A 125 15.98 -19.80 1.09
N TRP A 126 15.26 -20.16 2.16
CA TRP A 126 15.85 -20.49 3.44
C TRP A 126 16.40 -21.92 3.46
N ASP A 127 15.95 -22.73 2.48
CA ASP A 127 16.27 -24.15 2.37
C ASP A 127 15.65 -24.92 3.55
N THR A 128 14.47 -24.46 4.00
CA THR A 128 13.67 -25.11 5.03
C THR A 128 12.70 -26.09 4.35
N GLU A 129 12.08 -26.94 5.19
CA GLU A 129 11.21 -28.01 4.74
C GLU A 129 9.82 -27.46 4.42
N ILE A 130 9.30 -27.77 3.23
CA ILE A 130 7.91 -27.55 2.86
C ILE A 130 7.02 -28.61 3.53
N LYS A 131 6.37 -28.23 4.65
CA LYS A 131 5.38 -29.05 5.35
C LYS A 131 3.95 -28.63 4.97
N LEU A 132 3.24 -29.49 4.22
CA LEU A 132 1.82 -29.33 3.85
C LEU A 132 0.97 -30.36 4.60
N GLN A 133 -0.36 -30.21 4.52
CA GLN A 133 -1.33 -31.16 5.03
C GLN A 133 -2.44 -31.38 4.01
N LEU A 134 -2.63 -32.63 3.57
CA LEU A 134 -3.74 -33.04 2.72
C LEU A 134 -4.95 -33.31 3.60
N LEU A 135 -6.04 -32.58 3.34
CA LEU A 135 -7.30 -32.67 4.07
C LEU A 135 -8.44 -32.24 3.15
N THR A 136 -9.66 -32.54 3.62
CA THR A 136 -10.90 -32.20 2.94
C THR A 136 -11.50 -30.98 3.62
N LEU A 137 -12.15 -30.09 2.83
CA LEU A 137 -12.61 -28.78 3.31
C LEU A 137 -13.61 -28.91 4.46
N SER A 138 -14.14 -30.12 4.64
CA SER A 138 -14.95 -30.51 5.80
C SER A 138 -14.16 -30.35 7.10
N ALA A 139 -12.93 -30.87 7.12
CA ALA A 139 -12.02 -30.80 8.27
C ALA A 139 -11.31 -29.45 8.37
N MET A 140 -11.27 -28.68 7.27
CA MET A 140 -10.63 -27.38 7.23
C MET A 140 -11.50 -26.39 8.00
N CYS A 141 -10.86 -25.58 8.86
CA CYS A 141 -11.53 -24.58 9.67
C CYS A 141 -12.10 -23.47 8.79
N GLN A 142 -13.42 -23.23 8.89
CA GLN A 142 -14.13 -22.23 8.10
C GLN A 142 -14.97 -21.35 9.01
N ASN A 143 -14.37 -20.86 10.11
CA ASN A 143 -15.02 -20.07 11.14
C ASN A 143 -15.26 -18.62 10.69
N LEU A 144 -14.49 -18.16 9.69
CA LEU A 144 -14.60 -16.83 9.13
C LEU A 144 -15.68 -16.71 8.04
N ALA A 145 -16.24 -17.85 7.61
CA ALA A 145 -17.23 -17.90 6.55
C ALA A 145 -18.47 -17.10 6.94
N ARG A 146 -19.12 -16.50 5.93
CA ARG A 146 -20.37 -15.78 6.11
C ARG A 146 -21.51 -16.79 6.26
N THR A 147 -22.54 -16.43 7.04
CA THR A 147 -23.71 -17.26 7.31
C THR A 147 -24.89 -16.74 6.49
N ALA A 148 -26.03 -17.45 6.57
CA ALA A 148 -27.30 -17.05 5.96
C ALA A 148 -27.85 -15.79 6.63
N GLU A 149 -27.61 -15.69 7.94
CA GLU A 149 -27.98 -14.57 8.79
C GLU A 149 -27.33 -13.28 8.27
N ASP A 150 -26.04 -13.39 7.91
CA ASP A 150 -25.24 -12.29 7.41
C ASP A 150 -25.79 -11.77 6.08
N ASP A 151 -26.28 -12.69 5.24
CA ASP A 151 -26.83 -12.35 3.94
C ASP A 151 -28.15 -11.61 4.09
N GLU A 152 -29.02 -12.11 4.99
CA GLU A 152 -30.35 -11.53 5.24
C GLU A 152 -30.26 -10.21 6.00
N ALA A 153 -29.19 -10.04 6.80
CA ALA A 153 -28.93 -8.87 7.64
C ALA A 153 -28.80 -7.61 6.78
N PRO A 154 -29.37 -6.46 7.22
CA PRO A 154 -29.25 -5.20 6.49
C PRO A 154 -27.94 -4.50 6.84
N VAL A 155 -27.52 -3.54 6.01
CA VAL A 155 -26.23 -2.85 6.20
C VAL A 155 -26.35 -1.69 7.19
N ASP A 156 -25.58 -1.71 8.29
CA ASP A 156 -25.56 -0.60 9.23
C ASP A 156 -24.18 0.06 9.15
N LEU A 157 -24.12 1.35 8.82
CA LEU A 157 -22.84 2.02 8.59
C LEU A 157 -22.31 2.60 9.91
N ARG A 184 -38.47 22.73 -7.76
CA ARG A 184 -38.99 21.57 -8.53
C ARG A 184 -38.78 21.79 -10.03
N ASN A 185 -38.76 23.06 -10.48
CA ASN A 185 -38.45 23.35 -11.88
C ASN A 185 -36.91 23.41 -11.97
N ILE A 186 -36.36 22.75 -13.00
CA ILE A 186 -34.92 22.44 -13.11
C ILE A 186 -34.28 23.21 -14.27
N LYS A 187 -33.08 23.79 -14.01
CA LYS A 187 -32.24 24.50 -14.96
C LYS A 187 -30.89 23.77 -15.07
N GLU A 188 -30.50 23.40 -16.29
CA GLU A 188 -29.25 22.65 -16.50
C GLU A 188 -28.04 23.58 -16.39
N ALA A 189 -26.95 23.04 -15.83
CA ALA A 189 -25.78 23.77 -15.35
C ALA A 189 -25.14 24.61 -16.45
N TRP A 190 -25.06 24.05 -17.65
CA TRP A 190 -24.33 24.64 -18.77
C TRP A 190 -24.99 25.94 -19.27
N THR A 191 -26.27 26.13 -18.94
CA THR A 191 -27.05 27.33 -19.28
C THR A 191 -26.94 28.41 -18.18
N ALA A 192 -26.75 27.97 -16.92
CA ALA A 192 -26.66 28.81 -15.73
C ALA A 192 -25.46 29.75 -15.84
N THR A 193 -25.78 31.05 -16.06
CA THR A 193 -24.82 32.13 -16.20
C THR A 193 -24.60 32.87 -14.87
N GLU A 194 -25.40 32.50 -13.83
CA GLU A 194 -25.25 33.01 -12.46
C GLU A 194 -23.81 32.77 -12.00
N GLN A 195 -23.26 33.72 -11.23
CA GLN A 195 -21.86 33.67 -10.82
C GLN A 195 -21.76 32.87 -9.51
N LEU A 196 -20.71 32.04 -9.36
CA LEU A 196 -20.51 31.28 -8.14
C LEU A 196 -20.19 32.25 -7.00
N GLN A 197 -21.11 32.35 -6.04
CA GLN A 197 -20.95 33.16 -4.85
C GLN A 197 -21.65 32.45 -3.72
N PHE A 198 -21.24 32.80 -2.50
CA PHE A 198 -21.77 32.24 -1.26
C PHE A 198 -21.37 33.23 -0.17
N THR A 199 -22.11 33.31 0.93
CA THR A 199 -21.68 34.22 1.99
C THR A 199 -21.14 33.39 3.15
N VAL A 200 -19.85 33.53 3.48
CA VAL A 200 -19.34 32.86 4.67
C VAL A 200 -20.03 33.58 5.82
N TYR A 201 -20.68 32.84 6.72
CA TYR A 201 -21.49 33.51 7.74
C TYR A 201 -20.76 33.52 9.08
N ALA A 202 -20.45 32.35 9.61
CA ALA A 202 -19.87 32.28 10.94
C ALA A 202 -19.32 30.89 11.23
N ALA A 203 -18.35 30.84 12.14
CA ALA A 203 -17.85 29.63 12.79
C ALA A 203 -18.35 29.59 14.24
N HIS A 204 -18.76 28.40 14.73
CA HIS A 204 -19.37 28.22 16.05
C HIS A 204 -18.59 27.22 16.89
N GLY A 205 -18.46 27.53 18.19
CA GLY A 205 -17.91 26.62 19.19
C GLY A 205 -16.39 26.68 19.33
N ILE A 206 -15.80 27.87 19.20
CA ILE A 206 -14.36 28.06 19.28
C ILE A 206 -13.94 27.88 20.75
N SER A 207 -12.68 27.44 20.97
CA SER A 207 -12.20 27.00 22.28
C SER A 207 -11.77 28.20 23.13
N SER A 208 -11.42 27.95 24.41
CA SER A 208 -11.01 28.97 25.37
C SER A 208 -9.57 29.41 25.19
N ASN A 209 -8.73 28.48 24.70
CA ASN A 209 -7.33 28.74 24.42
C ASN A 209 -7.17 29.45 23.08
N TRP A 210 -8.24 29.47 22.25
CA TRP A 210 -8.28 30.19 20.98
C TRP A 210 -8.51 31.68 21.20
N VAL A 211 -9.56 32.00 21.99
CA VAL A 211 -9.90 33.37 22.38
C VAL A 211 -8.74 33.98 23.19
N SER A 212 -7.99 33.13 23.90
CA SER A 212 -6.76 33.49 24.59
C SER A 212 -5.64 33.94 23.63
N ASN A 213 -5.22 33.03 22.71
CA ASN A 213 -4.09 33.19 21.80
C ASN A 213 -4.36 34.24 20.72
N TYR A 214 -5.39 33.99 19.88
CA TYR A 214 -5.65 34.69 18.64
C TYR A 214 -6.53 35.91 18.86
N GLU A 215 -6.24 37.01 18.12
CA GLU A 215 -6.98 38.25 18.21
C GLU A 215 -8.14 38.26 17.21
N LYS A 216 -7.85 38.03 15.91
CA LYS A 216 -8.84 37.99 14.83
C LYS A 216 -8.61 36.75 13.96
N TYR A 217 -9.65 36.35 13.18
CA TYR A 217 -9.64 35.19 12.31
C TYR A 217 -10.11 35.60 10.91
N TYR A 218 -9.66 34.85 9.89
CA TYR A 218 -10.05 35.04 8.49
C TYR A 218 -10.04 33.68 7.77
N LEU A 219 -10.95 33.51 6.80
CA LEU A 219 -11.01 32.35 5.91
C LEU A 219 -10.31 32.66 4.58
N ILE A 220 -9.56 31.66 4.05
CA ILE A 220 -9.04 31.65 2.68
C ILE A 220 -9.83 30.61 1.85
N CYS A 221 -10.59 31.11 0.88
CA CYS A 221 -11.48 30.31 0.03
C CYS A 221 -10.81 30.09 -1.33
N SER A 222 -10.69 28.81 -1.73
CA SER A 222 -10.13 28.39 -3.00
C SER A 222 -11.09 27.40 -3.68
N LEU A 223 -11.08 27.40 -5.02
CA LEU A 223 -11.93 26.57 -5.86
C LEU A 223 -11.05 25.73 -6.79
N SER A 224 -11.15 24.39 -6.74
CA SER A 224 -10.25 23.49 -7.43
C SER A 224 -11.00 22.40 -8.21
N HIS A 225 -10.36 21.86 -9.26
CA HIS A 225 -10.76 20.64 -9.98
C HIS A 225 -9.48 19.94 -10.45
N ASN A 226 -9.48 18.58 -10.44
CA ASN A 226 -8.30 17.77 -10.71
C ASN A 226 -7.17 18.15 -9.74
N GLY A 227 -7.56 18.50 -8.51
CA GLY A 227 -6.64 18.82 -7.43
C GLY A 227 -5.86 20.10 -7.66
N LYS A 228 -6.28 20.94 -8.61
CA LYS A 228 -5.61 22.18 -8.99
C LYS A 228 -6.61 23.34 -8.98
N ASP A 229 -6.14 24.51 -8.54
CA ASP A 229 -6.93 25.74 -8.48
C ASP A 229 -7.43 26.14 -9.87
N LEU A 230 -8.70 26.56 -9.94
CA LEU A 230 -9.28 27.15 -11.14
C LEU A 230 -8.94 28.65 -11.18
N PHE A 231 -8.99 29.28 -9.99
CA PHE A 231 -8.63 30.67 -9.76
C PHE A 231 -7.86 30.74 -8.45
N LYS A 232 -7.05 31.81 -8.32
CA LYS A 232 -6.32 32.14 -7.11
C LYS A 232 -7.30 32.24 -5.93
N PRO A 233 -6.87 31.88 -4.70
CA PRO A 233 -7.75 31.89 -3.56
C PRO A 233 -8.16 33.32 -3.18
N ILE A 234 -9.44 33.45 -2.80
CA ILE A 234 -10.01 34.69 -2.29
C ILE A 234 -9.95 34.65 -0.76
N GLN A 235 -9.43 35.74 -0.17
CA GLN A 235 -9.29 35.87 1.27
C GLN A 235 -10.50 36.63 1.82
N SER A 236 -10.97 36.24 3.03
CA SER A 236 -12.01 36.96 3.74
C SER A 236 -11.42 38.09 4.58
N LYS A 237 -12.32 38.95 5.10
CA LYS A 237 -11.95 40.03 6.01
C LYS A 237 -11.53 39.42 7.35
N LYS A 238 -10.62 40.11 8.05
CA LYS A 238 -10.11 39.68 9.35
C LYS A 238 -11.05 40.18 10.45
N VAL A 239 -11.68 39.22 11.17
CA VAL A 239 -12.73 39.49 12.15
C VAL A 239 -12.39 38.80 13.47
N GLY A 240 -12.61 39.50 14.60
CA GLY A 240 -12.53 38.90 15.93
C GLY A 240 -13.75 38.01 16.22
N THR A 241 -13.85 37.49 17.45
CA THR A 241 -15.05 36.81 17.94
C THR A 241 -16.15 37.83 18.17
N TYR A 242 -17.43 37.42 18.00
CA TYR A 242 -18.57 38.31 17.95
C TYR A 242 -18.81 38.93 19.33
N LYS A 243 -19.35 40.15 19.35
CA LYS A 243 -19.63 40.93 20.55
C LYS A 243 -20.56 40.13 21.48
N ASN A 244 -20.13 39.89 22.72
CA ASN A 244 -21.01 39.29 23.71
C ASN A 244 -21.26 37.79 23.41
N ALA A 245 -20.32 37.14 22.69
CA ALA A 245 -20.40 35.73 22.28
C ALA A 245 -19.02 35.26 21.79
N ALA A 246 -18.18 34.78 22.73
CA ALA A 246 -16.78 34.47 22.46
C ALA A 246 -16.58 33.04 21.95
N TYR A 247 -17.69 32.35 21.66
CA TYR A 247 -17.70 31.01 21.07
C TYR A 247 -17.90 31.09 19.55
N LEU A 248 -18.21 32.29 19.04
CA LEU A 248 -18.69 32.52 17.67
C LEU A 248 -17.78 33.53 16.95
N ILE A 249 -17.44 33.25 15.68
CA ILE A 249 -16.81 34.18 14.74
C ILE A 249 -17.79 34.43 13.60
N LYS A 250 -18.30 35.68 13.48
CA LYS A 250 -19.28 36.02 12.43
C LYS A 250 -18.67 36.95 11.39
N TRP A 251 -18.42 36.44 10.16
CA TRP A 251 -17.99 37.24 9.02
C TRP A 251 -19.19 37.87 8.32
N ASP A 252 -20.14 37.02 7.93
CA ASP A 252 -21.34 37.41 7.19
C ASP A 252 -20.93 38.23 5.97
N GLU A 253 -19.87 37.77 5.29
CA GLU A 253 -19.27 38.45 4.14
C GLU A 253 -19.52 37.60 2.89
N LEU A 254 -19.96 38.27 1.80
CA LEU A 254 -20.19 37.64 0.52
C LEU A 254 -18.87 37.44 -0.22
N ILE A 255 -18.56 36.18 -0.60
CA ILE A 255 -17.42 35.82 -1.44
C ILE A 255 -17.93 35.53 -2.86
N ILE A 256 -17.32 36.19 -3.87
CA ILE A 256 -17.70 36.08 -5.27
C ILE A 256 -16.46 35.69 -6.07
N PHE A 257 -16.51 34.50 -6.68
CA PHE A 257 -15.51 33.97 -7.59
C PHE A 257 -15.79 34.44 -9.02
N PRO A 258 -14.76 34.71 -9.86
CA PRO A 258 -14.98 35.16 -11.24
C PRO A 258 -15.22 33.98 -12.17
N ILE A 259 -16.26 33.21 -11.86
CA ILE A 259 -16.62 32.02 -12.62
C ILE A 259 -18.15 31.85 -12.56
N GLN A 260 -18.73 31.46 -13.70
CA GLN A 260 -20.14 31.16 -13.79
C GLN A 260 -20.35 29.72 -13.38
N ILE A 261 -21.61 29.36 -13.08
CA ILE A 261 -22.01 28.00 -12.72
C ILE A 261 -21.75 27.06 -13.90
N SER A 262 -21.88 27.58 -15.13
CA SER A 262 -21.69 26.86 -16.38
C SER A 262 -20.23 26.46 -16.60
N GLN A 263 -19.30 27.18 -15.96
CA GLN A 263 -17.87 26.93 -16.10
C GLN A 263 -17.36 25.89 -15.09
N LEU A 264 -18.14 25.59 -14.03
CA LEU A 264 -17.76 24.63 -12.99
C LEU A 264 -17.83 23.19 -13.53
N PRO A 265 -16.72 22.42 -13.50
CA PRO A 265 -16.79 20.97 -13.74
C PRO A 265 -17.60 20.29 -12.63
N LEU A 266 -18.07 19.07 -12.90
CA LEU A 266 -18.92 18.33 -11.95
C LEU A 266 -18.24 18.13 -10.60
N GLU A 267 -16.93 17.81 -10.63
CA GLU A 267 -16.18 17.41 -9.44
C GLU A 267 -15.43 18.62 -8.86
N SER A 268 -16.05 19.81 -8.98
CA SER A 268 -15.55 21.05 -8.40
C SER A 268 -15.72 21.01 -6.89
N VAL A 269 -14.70 21.50 -6.18
CA VAL A 269 -14.62 21.47 -4.74
C VAL A 269 -14.21 22.85 -4.23
N LEU A 270 -14.93 23.35 -3.22
CA LEU A 270 -14.64 24.61 -2.56
C LEU A 270 -13.91 24.30 -1.25
N HIS A 271 -12.67 24.79 -1.11
CA HIS A 271 -11.85 24.62 0.09
C HIS A 271 -11.88 25.90 0.92
N LEU A 272 -12.14 25.76 2.24
CA LEU A 272 -12.09 26.86 3.19
C LEU A 272 -11.12 26.51 4.31
N THR A 273 -9.99 27.22 4.37
CA THR A 273 -9.02 27.14 5.46
C THR A 273 -9.21 28.33 6.41
N LEU A 274 -9.45 28.06 7.70
CA LEU A 274 -9.56 29.08 8.74
C LEU A 274 -8.16 29.41 9.29
N PHE A 275 -7.85 30.71 9.36
CA PHE A 275 -6.60 31.21 9.91
C PHE A 275 -6.89 32.11 11.12
N GLY A 276 -5.91 32.19 12.03
CA GLY A 276 -6.00 33.05 13.21
C GLY A 276 -4.71 33.85 13.44
N VAL A 277 -4.83 35.18 13.34
CA VAL A 277 -3.74 36.11 13.63
C VAL A 277 -3.60 36.21 15.15
N LEU A 278 -2.37 36.02 15.63
CA LEU A 278 -2.04 36.01 17.05
C LEU A 278 -2.05 37.43 17.62
N ASN A 279 -2.25 37.54 18.95
CA ASN A 279 -2.20 38.79 19.70
C ASN A 279 -0.73 39.15 20.01
N GLN A 280 -0.48 40.42 20.37
CA GLN A 280 0.80 41.13 20.34
C GLN A 280 1.46 41.01 18.97
N GLY A 294 3.83 34.77 11.30
CA GLY A 294 2.76 34.53 10.32
C GLY A 294 1.48 33.97 10.95
N PRO A 295 0.28 34.35 10.44
CA PRO A 295 -0.99 33.73 10.88
C PRO A 295 -0.99 32.21 10.70
N GLU A 296 -1.63 31.51 11.64
CA GLU A 296 -1.59 30.06 11.79
C GLU A 296 -2.85 29.41 11.23
N ALA A 297 -2.67 28.30 10.48
CA ALA A 297 -3.74 27.49 9.90
C ALA A 297 -4.38 26.61 10.97
N LEU A 298 -5.63 26.93 11.34
CA LEU A 298 -6.36 26.25 12.41
C LEU A 298 -7.02 24.96 11.90
N GLY A 299 -7.63 24.99 10.71
CA GLY A 299 -8.22 23.81 10.10
C GLY A 299 -8.76 24.10 8.71
N LYS A 300 -9.11 23.02 7.98
CA LYS A 300 -9.59 23.06 6.60
C LYS A 300 -10.99 22.44 6.53
N VAL A 301 -11.79 22.87 5.54
CA VAL A 301 -13.09 22.34 5.20
C VAL A 301 -13.18 22.27 3.67
N SER A 302 -13.88 21.24 3.15
CA SER A 302 -14.10 21.10 1.71
C SER A 302 -15.57 20.77 1.43
N LEU A 303 -16.24 21.65 0.67
CA LEU A 303 -17.61 21.46 0.16
C LEU A 303 -17.55 21.13 -1.34
N THR A 304 -18.29 20.11 -1.78
CA THR A 304 -18.49 19.83 -3.20
C THR A 304 -19.66 20.71 -3.66
N LEU A 305 -19.45 21.43 -4.77
CA LEU A 305 -20.44 22.36 -5.28
C LEU A 305 -21.65 21.63 -5.85
N PHE A 306 -21.41 20.43 -6.43
CA PHE A 306 -22.44 19.49 -6.85
C PHE A 306 -22.47 18.28 -5.91
N ASP A 307 -23.68 17.90 -5.47
CA ASP A 307 -23.91 16.73 -4.61
C ASP A 307 -24.01 15.46 -5.46
N PHE A 308 -24.31 14.33 -4.79
CA PHE A 308 -24.20 12.99 -5.36
C PHE A 308 -25.25 12.72 -6.43
N LYS A 309 -26.30 13.58 -6.48
CA LYS A 309 -27.35 13.51 -7.50
C LYS A 309 -27.24 14.72 -8.46
N ARG A 310 -26.02 15.29 -8.58
CA ARG A 310 -25.63 16.25 -9.60
C ARG A 310 -26.30 17.62 -9.43
N PHE A 311 -26.88 17.89 -8.25
CA PHE A 311 -27.58 19.15 -7.95
C PHE A 311 -26.60 20.12 -7.29
N LEU A 312 -26.59 21.37 -7.77
CA LEU A 312 -25.73 22.44 -7.26
C LEU A 312 -26.17 22.79 -5.84
N THR A 313 -25.21 22.91 -4.89
CA THR A 313 -25.48 23.22 -3.49
C THR A 313 -26.14 24.59 -3.39
N CYS A 314 -27.34 24.63 -2.77
CA CYS A 314 -28.15 25.81 -2.57
C CYS A 314 -28.52 25.92 -1.09
N GLY A 315 -28.87 27.14 -0.65
CA GLY A 315 -29.23 27.38 0.74
C GLY A 315 -28.02 27.27 1.68
N THR A 316 -28.32 27.18 2.98
CA THR A 316 -27.32 27.10 4.04
C THR A 316 -26.76 25.68 4.08
N LYS A 317 -25.42 25.58 4.17
CA LYS A 317 -24.68 24.33 4.34
C LYS A 317 -23.78 24.48 5.57
N LEU A 318 -23.83 23.48 6.47
CA LEU A 318 -22.94 23.42 7.63
C LEU A 318 -21.83 22.42 7.32
N ALA A 319 -20.58 22.86 7.51
CA ALA A 319 -19.39 22.01 7.44
C ALA A 319 -18.66 22.01 8.78
N TYR A 320 -18.11 20.85 9.18
CA TYR A 320 -17.45 20.62 10.47
C TYR A 320 -15.96 20.40 10.27
N LEU A 321 -15.15 21.36 10.76
CA LEU A 321 -13.69 21.21 10.79
C LEU A 321 -13.29 20.80 12.21
N TRP A 322 -12.27 19.93 12.29
CA TRP A 322 -11.80 19.32 13.52
C TRP A 322 -10.43 19.87 13.90
N THR A 323 -10.24 20.11 15.21
CA THR A 323 -9.02 20.64 15.78
C THR A 323 -8.67 19.87 17.06
N GLU A 342 -12.14 18.28 19.12
CA GLU A 342 -12.88 19.57 19.05
C GLU A 342 -13.62 19.67 17.71
N ARG A 343 -14.92 20.00 17.76
CA ARG A 343 -15.80 20.09 16.60
C ARG A 343 -16.26 21.55 16.45
N ILE A 344 -15.75 22.23 15.40
CA ILE A 344 -16.15 23.59 15.03
C ILE A 344 -17.09 23.51 13.82
N VAL A 345 -18.30 24.09 13.96
CA VAL A 345 -19.28 24.17 12.90
C VAL A 345 -19.08 25.50 12.16
N LEU A 346 -18.87 25.43 10.84
CA LEU A 346 -18.71 26.58 9.97
C LEU A 346 -19.92 26.67 9.04
N GLN A 347 -20.63 27.80 9.01
CA GLN A 347 -21.80 27.99 8.17
C GLN A 347 -21.42 28.76 6.91
N VAL A 348 -21.77 28.18 5.73
CA VAL A 348 -21.68 28.81 4.42
C VAL A 348 -23.10 28.86 3.82
N ASP A 349 -23.58 30.07 3.49
CA ASP A 349 -24.89 30.25 2.89
C ASP A 349 -24.73 30.45 1.37
N PHE A 350 -25.17 29.45 0.58
CA PHE A 350 -25.22 29.54 -0.88
C PHE A 350 -26.54 30.18 -1.32
N PRO A 351 -26.60 30.82 -2.51
CA PRO A 351 -27.86 31.32 -3.06
C PRO A 351 -28.91 30.23 -3.10
N SER A 352 -30.16 30.67 -3.04
CA SER A 352 -31.29 29.78 -2.84
C SER A 352 -32.42 30.18 -3.79
N PRO A 353 -32.31 29.87 -5.11
CA PRO A 353 -33.34 30.28 -6.05
C PRO A 353 -34.55 29.35 -5.96
N ALA A 354 -35.60 29.64 -6.75
CA ALA A 354 -36.87 28.87 -6.72
C ALA A 354 -36.78 27.62 -7.59
N PHE A 355 -35.59 27.38 -8.18
CA PHE A 355 -35.31 26.31 -9.13
C PHE A 355 -34.02 25.60 -8.72
N ASP A 356 -33.95 24.28 -9.01
CA ASP A 356 -32.77 23.48 -8.78
C ASP A 356 -31.90 23.48 -10.04
N ILE A 357 -30.59 23.77 -9.89
CA ILE A 357 -29.62 23.65 -10.98
C ILE A 357 -28.97 22.26 -10.90
N ILE A 358 -29.11 21.46 -11.98
CA ILE A 358 -28.52 20.13 -12.12
C ILE A 358 -27.40 20.15 -13.16
N TYR A 359 -26.34 19.37 -12.90
CA TYR A 359 -25.30 19.10 -13.88
C TYR A 359 -25.78 17.99 -14.82
N THR A 360 -25.70 18.27 -16.14
CA THR A 360 -25.91 17.28 -17.19
C THR A 360 -24.64 17.20 -18.04
N SER A 361 -24.16 15.97 -18.27
CA SER A 361 -22.93 15.76 -19.04
C SER A 361 -23.11 16.20 -20.49
N PRO A 362 -22.02 16.46 -21.26
CA PRO A 362 -22.13 16.84 -22.67
C PRO A 362 -22.78 15.71 -23.47
N GLN A 363 -23.54 16.07 -24.52
CA GLN A 363 -24.25 15.07 -25.32
C GLN A 363 -23.22 14.11 -25.91
N ILE A 364 -23.53 12.80 -25.88
CA ILE A 364 -22.59 11.76 -26.29
C ILE A 364 -22.20 11.99 -27.75
N ASP A 365 -20.91 12.04 -28.08
CA ASP A 365 -20.50 12.16 -29.47
C ASP A 365 -20.13 10.76 -29.98
N ARG A 366 -20.82 10.25 -31.01
CA ARG A 366 -20.56 8.89 -31.46
C ARG A 366 -19.66 8.93 -32.70
N ASN A 367 -18.42 8.48 -32.57
CA ASN A 367 -17.46 8.42 -33.68
C ASN A 367 -16.53 7.24 -33.44
N ILE A 368 -15.95 6.65 -34.52
CA ILE A 368 -14.98 5.57 -34.36
C ILE A 368 -13.71 5.91 -35.17
N ILE A 369 -12.93 6.88 -34.66
CA ILE A 369 -11.70 7.34 -35.31
C ILE A 369 -10.51 6.54 -34.74
N LYS A 373 -11.09 5.98 -38.47
CA LYS A 373 -10.21 4.81 -38.26
C LYS A 373 -8.85 5.08 -38.90
N LEU A 374 -8.64 4.57 -40.14
CA LEU A 374 -7.41 4.84 -40.89
C LEU A 374 -7.34 6.35 -41.20
N GLU A 375 -6.16 6.96 -41.01
CA GLU A 375 -6.00 8.41 -41.19
C GLU A 375 -4.72 8.68 -41.97
N THR A 376 -4.59 9.90 -42.53
CA THR A 376 -3.35 10.30 -43.20
C THR A 376 -2.19 10.21 -42.21
N LEU A 377 -1.05 9.63 -42.64
CA LEU A 377 0.10 9.42 -41.76
C LEU A 377 1.29 10.20 -42.33
N GLU A 378 2.12 10.77 -41.44
CA GLU A 378 3.42 11.33 -41.82
C GLU A 378 4.50 10.59 -41.02
N SER A 379 5.72 10.48 -41.60
CA SER A 379 6.91 9.92 -40.94
C SER A 379 7.61 10.98 -40.09
N ASP A 380 7.70 12.18 -40.68
CA ASP A 380 8.41 13.30 -40.10
C ASP A 380 8.07 13.48 -38.62
N ILE A 381 6.79 13.38 -38.22
CA ILE A 381 6.49 13.69 -36.83
C ILE A 381 6.26 12.39 -36.05
N LYS A 382 6.07 11.27 -36.77
CA LYS A 382 5.76 9.99 -36.10
C LYS A 382 6.87 9.63 -35.12
N GLY A 383 8.13 9.92 -35.50
CA GLY A 383 9.27 9.63 -34.65
C GLY A 383 9.19 10.35 -33.30
N LYS A 384 8.83 11.65 -33.31
CA LYS A 384 8.68 12.43 -32.09
C LYS A 384 7.50 11.89 -31.29
N LEU A 385 6.45 11.47 -31.99
CA LEU A 385 5.27 10.89 -31.34
C LEU A 385 5.67 9.65 -30.53
N LEU A 386 6.32 8.67 -31.20
CA LEU A 386 6.72 7.43 -30.57
C LEU A 386 7.84 7.66 -29.54
N ASP A 387 8.52 8.80 -29.61
CA ASP A 387 9.51 9.21 -28.62
C ASP A 387 8.86 9.45 -27.26
N ILE A 388 7.74 10.18 -27.25
CA ILE A 388 7.02 10.53 -26.03
C ILE A 388 6.07 9.40 -25.61
N ILE A 389 5.58 8.60 -26.57
CA ILE A 389 4.77 7.42 -26.27
C ILE A 389 5.57 6.46 -25.39
N HIS A 390 6.86 6.28 -25.75
CA HIS A 390 7.78 5.36 -25.09
C HIS A 390 8.64 6.08 -24.04
N ARG A 391 8.15 7.25 -23.60
CA ARG A 391 8.71 7.97 -22.47
C ARG A 391 8.29 7.26 -21.18
N ASP A 392 9.10 7.41 -20.12
CA ASP A 392 8.95 6.64 -18.89
C ASP A 392 7.58 6.90 -18.25
N SER A 393 7.22 8.18 -18.18
CA SER A 393 6.00 8.67 -17.53
C SER A 393 5.61 10.01 -18.14
N SER A 394 4.53 10.59 -17.60
CA SER A 394 4.01 11.90 -17.98
C SER A 394 4.54 13.00 -17.06
N PHE A 395 5.60 12.68 -16.31
CA PHE A 395 6.26 13.52 -15.32
C PHE A 395 7.37 14.24 -16.05
N GLY A 396 7.38 15.56 -16.00
CA GLY A 396 8.41 16.38 -16.66
C GLY A 396 8.11 16.65 -18.13
N LEU A 397 6.92 16.24 -18.61
CA LEU A 397 6.45 16.51 -19.96
C LEU A 397 6.18 18.00 -20.11
N SER A 398 6.89 18.64 -21.06
CA SER A 398 6.82 20.09 -21.28
C SER A 398 5.56 20.46 -22.08
N LYS A 399 5.32 21.77 -22.24
CA LYS A 399 4.07 22.33 -22.77
C LYS A 399 3.89 21.94 -24.24
N GLU A 400 4.99 22.05 -25.01
CA GLU A 400 4.98 21.84 -26.46
C GLU A 400 4.84 20.35 -26.78
N ASP A 401 5.28 19.50 -25.83
CA ASP A 401 5.17 18.05 -25.92
C ASP A 401 3.70 17.62 -25.76
N LYS A 402 2.96 18.35 -24.91
CA LYS A 402 1.57 18.05 -24.60
C LYS A 402 0.65 18.42 -25.76
N VAL A 403 0.78 19.66 -26.27
CA VAL A 403 -0.02 20.17 -27.37
C VAL A 403 0.09 19.24 -28.60
N PHE A 404 1.30 18.69 -28.81
CA PHE A 404 1.63 17.78 -29.90
C PHE A 404 0.87 16.46 -29.74
N LEU A 405 1.01 15.84 -28.55
CA LEU A 405 0.39 14.54 -28.24
C LEU A 405 -1.12 14.65 -28.35
N TRP A 406 -1.68 15.73 -27.78
CA TRP A 406 -3.11 16.01 -27.80
C TRP A 406 -3.64 16.06 -29.24
N GLU A 407 -2.86 16.72 -30.12
CA GLU A 407 -3.15 16.86 -31.55
C GLU A 407 -3.13 15.50 -32.28
N ASN A 408 -2.15 14.64 -31.93
CA ASN A 408 -1.94 13.34 -32.55
C ASN A 408 -2.34 12.22 -31.60
N ARG A 409 -3.43 12.44 -30.85
CA ARG A 409 -3.90 11.51 -29.83
C ARG A 409 -4.50 10.26 -30.48
N TYR A 410 -5.18 10.45 -31.62
CA TYR A 410 -5.98 9.40 -32.27
C TYR A 410 -5.09 8.41 -33.00
N TYR A 411 -3.78 8.74 -33.08
CA TYR A 411 -2.73 7.91 -33.69
C TYR A 411 -2.15 6.90 -32.68
N CYS A 412 -2.36 7.18 -31.38
CA CYS A 412 -1.81 6.42 -30.26
C CYS A 412 -2.77 5.36 -29.73
N LEU A 413 -3.81 5.05 -30.50
CA LEU A 413 -4.88 4.12 -30.21
C LEU A 413 -4.38 2.68 -30.13
N LYS A 414 -3.13 2.46 -30.60
CA LYS A 414 -2.50 1.13 -30.65
C LYS A 414 -1.51 0.95 -29.49
N HIS A 415 -1.33 1.98 -28.66
CA HIS A 415 -0.57 1.94 -27.41
C HIS A 415 -1.46 2.38 -26.24
N PRO A 416 -2.24 1.47 -25.64
CA PRO A 416 -3.24 1.85 -24.63
C PRO A 416 -2.66 2.48 -23.36
N ASN A 417 -1.44 2.08 -22.99
CA ASN A 417 -0.86 2.40 -21.69
C ASN A 417 -0.40 3.85 -21.59
N CYS A 418 -0.54 4.60 -22.71
CA CYS A 418 -0.11 5.99 -22.79
C CYS A 418 -1.30 6.94 -22.71
N LEU A 419 -2.46 6.46 -22.23
CA LEU A 419 -3.66 7.29 -22.09
C LEU A 419 -3.47 8.31 -20.98
N PRO A 420 -2.91 7.95 -19.80
CA PRO A 420 -2.57 8.93 -18.76
C PRO A 420 -1.69 10.08 -19.25
N LYS A 421 -0.83 9.83 -20.26
CA LYS A 421 0.01 10.86 -20.88
C LYS A 421 -0.86 11.81 -21.72
N ILE A 422 -1.87 11.23 -22.39
CA ILE A 422 -2.78 11.97 -23.27
C ILE A 422 -3.72 12.85 -22.44
N LEU A 423 -4.36 12.29 -21.40
CA LEU A 423 -5.30 13.00 -20.54
C LEU A 423 -4.64 14.15 -19.76
N ALA A 424 -3.34 13.98 -19.43
CA ALA A 424 -2.55 15.00 -18.76
C ALA A 424 -2.11 16.11 -19.73
N SER A 425 -2.28 15.86 -21.05
CA SER A 425 -1.95 16.79 -22.12
C SER A 425 -3.17 17.59 -22.59
N ALA A 426 -4.36 17.27 -22.06
CA ALA A 426 -5.61 17.95 -22.39
C ALA A 426 -5.49 19.45 -22.12
N PRO A 427 -6.01 20.33 -23.01
CA PRO A 427 -5.88 21.78 -22.82
C PRO A 427 -6.64 22.30 -21.60
N ASN A 428 -7.77 21.62 -21.28
CA ASN A 428 -8.69 22.00 -20.22
C ASN A 428 -9.75 20.92 -20.09
N TRP A 429 -10.60 21.05 -19.05
CA TRP A 429 -11.77 20.20 -18.82
C TRP A 429 -13.03 21.05 -18.84
N LYS A 430 -13.10 21.94 -19.85
CA LYS A 430 -14.27 22.74 -20.16
C LYS A 430 -15.34 21.80 -20.73
N TRP A 431 -16.59 22.15 -20.44
CA TRP A 431 -17.76 21.35 -20.74
C TRP A 431 -17.83 21.02 -22.23
N ALA A 432 -17.42 21.98 -23.07
CA ALA A 432 -17.41 21.84 -24.53
C ALA A 432 -16.43 20.76 -24.99
N ASN A 433 -15.25 20.68 -24.34
CA ASN A 433 -14.15 19.83 -24.74
C ASN A 433 -14.21 18.45 -24.09
N LEU A 434 -15.34 18.13 -23.44
CA LEU A 434 -15.53 16.88 -22.73
C LEU A 434 -16.07 15.82 -23.68
N ALA A 435 -16.90 16.24 -24.66
CA ALA A 435 -17.54 15.27 -25.56
C ALA A 435 -16.49 14.57 -26.43
N LYS A 436 -15.44 15.30 -26.85
CA LYS A 436 -14.29 14.76 -27.58
C LYS A 436 -13.42 13.84 -26.72
N THR A 437 -13.36 14.10 -25.39
CA THR A 437 -12.57 13.33 -24.44
C THR A 437 -13.26 12.02 -24.10
N TYR A 438 -14.57 12.09 -23.87
CA TYR A 438 -15.39 10.91 -23.58
C TYR A 438 -15.51 10.03 -24.82
N SER A 439 -15.52 10.65 -26.02
CA SER A 439 -15.59 9.95 -27.29
C SER A 439 -14.37 9.04 -27.48
N LEU A 440 -13.17 9.57 -27.16
CA LEU A 440 -11.90 8.85 -27.20
C LEU A 440 -11.88 7.73 -26.17
N LEU A 441 -12.26 8.06 -24.92
CA LEU A 441 -12.20 7.17 -23.76
C LEU A 441 -13.02 5.90 -24.00
N HIS A 442 -14.24 6.06 -24.57
CA HIS A 442 -15.20 4.97 -24.76
C HIS A 442 -14.98 4.18 -26.05
N GLN A 443 -13.97 4.57 -26.85
CA GLN A 443 -13.46 3.78 -27.97
C GLN A 443 -12.01 3.34 -27.73
N TRP A 444 -11.47 3.61 -26.54
CA TRP A 444 -10.06 3.35 -26.20
C TRP A 444 -9.88 1.87 -25.79
N PRO A 445 -8.75 1.19 -26.14
CA PRO A 445 -8.54 -0.20 -25.74
C PRO A 445 -8.25 -0.35 -24.23
N PRO A 446 -8.48 -1.54 -23.61
CA PRO A 446 -8.23 -1.68 -22.17
C PRO A 446 -6.78 -1.44 -21.77
N LEU A 447 -6.58 -0.68 -20.68
CA LEU A 447 -5.30 -0.43 -20.07
C LEU A 447 -4.89 -1.58 -19.15
N CYS A 448 -3.58 -1.67 -18.88
CA CYS A 448 -3.02 -2.55 -17.87
C CYS A 448 -3.43 -2.03 -16.48
N PRO A 449 -3.88 -2.90 -15.55
CA PRO A 449 -4.30 -2.47 -14.21
C PRO A 449 -3.34 -1.52 -13.51
N LEU A 450 -2.04 -1.83 -13.62
CA LEU A 450 -0.97 -1.06 -12.99
C LEU A 450 -0.82 0.32 -13.64
N ALA A 451 -1.16 0.40 -14.92
CA ALA A 451 -1.11 1.66 -15.67
C ALA A 451 -2.32 2.53 -15.34
N ALA A 452 -3.47 1.87 -15.12
CA ALA A 452 -4.76 2.49 -14.81
C ALA A 452 -4.75 3.15 -13.43
N LEU A 453 -3.81 2.75 -12.56
CA LEU A 453 -3.64 3.35 -11.24
C LEU A 453 -3.47 4.87 -11.31
N GLU A 454 -2.78 5.35 -12.35
CA GLU A 454 -2.47 6.77 -12.51
C GLU A 454 -3.76 7.58 -12.61
N LEU A 455 -4.81 6.94 -13.16
CA LEU A 455 -6.10 7.57 -13.46
C LEU A 455 -6.92 7.74 -12.18
N LEU A 456 -6.47 7.11 -11.08
CA LEU A 456 -7.11 7.18 -9.78
C LEU A 456 -6.38 8.15 -8.85
N ASP A 457 -5.41 8.90 -9.39
CA ASP A 457 -4.65 9.88 -8.62
C ASP A 457 -5.46 11.18 -8.57
N ALA A 458 -4.91 12.23 -7.93
CA ALA A 458 -5.57 13.51 -7.70
C ALA A 458 -5.86 14.27 -9.00
N LYS A 459 -4.92 14.17 -9.96
CA LYS A 459 -4.87 14.98 -11.17
C LYS A 459 -5.93 14.53 -12.18
N PHE A 460 -6.71 13.49 -11.84
CA PHE A 460 -7.83 13.02 -12.65
C PHE A 460 -9.03 12.80 -11.75
N ALA A 461 -9.87 13.84 -11.63
CA ALA A 461 -11.04 13.87 -10.77
C ALA A 461 -12.30 13.46 -11.52
N ASP A 462 -12.27 13.50 -12.86
CA ASP A 462 -13.41 13.20 -13.71
C ASP A 462 -13.93 11.80 -13.42
N GLN A 463 -15.26 11.65 -13.27
CA GLN A 463 -15.90 10.41 -12.86
C GLN A 463 -15.86 9.37 -13.99
N GLU A 464 -15.94 9.84 -15.24
CA GLU A 464 -15.94 8.97 -16.41
C GLU A 464 -14.57 8.34 -16.61
N VAL A 465 -13.50 9.06 -16.25
CA VAL A 465 -12.13 8.59 -16.31
C VAL A 465 -11.91 7.54 -15.22
N ARG A 466 -12.27 7.91 -13.98
CA ARG A 466 -12.08 7.08 -12.79
C ARG A 466 -12.90 5.78 -12.86
N SER A 467 -14.18 5.87 -13.27
CA SER A 467 -15.08 4.73 -13.44
C SER A 467 -14.54 3.75 -14.45
N LEU A 468 -13.88 4.30 -15.49
CA LEU A 468 -13.30 3.54 -16.58
C LEU A 468 -11.97 2.91 -16.14
N ALA A 469 -11.22 3.63 -15.30
CA ALA A 469 -9.98 3.15 -14.72
C ALA A 469 -10.22 1.94 -13.83
N VAL A 470 -11.34 1.95 -13.08
CA VAL A 470 -11.75 0.88 -12.18
C VAL A 470 -12.24 -0.33 -12.97
N SER A 471 -12.90 -0.12 -14.13
CA SER A 471 -13.38 -1.19 -14.98
C SER A 471 -12.21 -1.98 -15.59
N TRP A 472 -11.13 -1.27 -15.98
CA TRP A 472 -9.88 -1.86 -16.42
C TRP A 472 -9.15 -2.58 -15.27
N MET A 473 -9.31 -2.05 -14.06
CA MET A 473 -8.67 -2.53 -12.85
C MET A 473 -9.22 -3.90 -12.48
N GLU A 474 -10.49 -4.19 -12.83
CA GLU A 474 -11.16 -5.46 -12.54
C GLU A 474 -10.38 -6.68 -13.07
N ALA A 475 -9.49 -6.44 -14.05
CA ALA A 475 -8.64 -7.43 -14.69
C ALA A 475 -7.53 -7.88 -13.75
N ILE A 476 -7.21 -7.11 -12.69
CA ILE A 476 -6.14 -7.46 -11.75
C ILE A 476 -6.57 -8.64 -10.88
N SER A 477 -5.60 -9.47 -10.48
CA SER A 477 -5.80 -10.61 -9.59
C SER A 477 -5.81 -10.16 -8.14
N ASP A 478 -6.46 -10.95 -7.27
CA ASP A 478 -6.54 -10.65 -5.84
C ASP A 478 -5.14 -10.58 -5.22
N ASP A 479 -4.25 -11.48 -5.68
CA ASP A 479 -2.92 -11.68 -5.10
C ASP A 479 -2.01 -10.49 -5.40
N GLU A 480 -2.21 -9.84 -6.55
CA GLU A 480 -1.47 -8.66 -6.94
C GLU A 480 -2.05 -7.42 -6.22
N LEU A 481 -3.39 -7.36 -6.12
CA LEU A 481 -4.12 -6.26 -5.51
C LEU A 481 -3.78 -6.13 -4.02
N ALA A 482 -3.67 -7.28 -3.36
CA ALA A 482 -3.46 -7.38 -1.92
C ALA A 482 -2.27 -6.53 -1.45
N ASP A 483 -1.21 -6.44 -2.27
CA ASP A 483 0.02 -5.73 -1.92
C ASP A 483 -0.02 -4.25 -2.37
N LEU A 484 -1.11 -3.86 -3.06
CA LEU A 484 -1.30 -2.50 -3.57
C LEU A 484 -2.38 -1.75 -2.79
N LEU A 485 -2.97 -2.38 -1.76
CA LEU A 485 -4.15 -1.88 -1.10
C LEU A 485 -3.89 -0.53 -0.41
N PRO A 486 -2.70 -0.26 0.20
CA PRO A 486 -2.46 1.03 0.84
C PRO A 486 -2.73 2.21 -0.08
N GLN A 487 -2.28 2.11 -1.35
CA GLN A 487 -2.46 3.13 -2.38
C GLN A 487 -3.94 3.29 -2.72
N PHE A 488 -4.68 2.18 -2.79
CA PHE A 488 -6.09 2.16 -3.15
C PHE A 488 -6.97 2.82 -2.08
N VAL A 489 -6.57 2.65 -0.80
CA VAL A 489 -7.23 3.27 0.32
C VAL A 489 -7.04 4.79 0.30
N GLN A 490 -5.82 5.25 -0.07
CA GLN A 490 -5.50 6.67 -0.19
C GLN A 490 -6.24 7.29 -1.39
N ALA A 491 -6.44 6.51 -2.46
CA ALA A 491 -7.09 6.94 -3.70
C ALA A 491 -8.56 7.31 -3.47
N LEU A 492 -9.16 6.81 -2.37
CA LEU A 492 -10.51 7.13 -1.96
C LEU A 492 -10.66 8.62 -1.64
N LYS A 493 -9.56 9.28 -1.24
CA LYS A 493 -9.54 10.70 -0.92
C LYS A 493 -9.76 11.58 -2.15
N TYR A 494 -9.59 11.02 -3.35
CA TYR A 494 -9.79 11.74 -4.61
C TYR A 494 -11.16 11.43 -5.21
N GLU A 495 -11.94 10.60 -4.50
CA GLU A 495 -13.35 10.35 -4.80
C GLU A 495 -14.18 11.28 -3.90
N ILE A 496 -14.90 12.23 -4.51
CA ILE A 496 -15.58 13.29 -3.78
C ILE A 496 -16.91 12.79 -3.23
N TYR A 497 -17.44 11.71 -3.83
CA TYR A 497 -18.71 11.09 -3.44
C TYR A 497 -18.41 9.77 -2.71
N LEU A 498 -19.16 9.52 -1.61
CA LEU A 498 -19.03 8.33 -0.79
C LEU A 498 -19.09 7.08 -1.65
N ASN A 499 -20.22 6.94 -2.36
CA ASN A 499 -20.45 5.84 -3.28
C ASN A 499 -19.77 6.12 -4.61
N SER A 500 -18.68 5.38 -4.88
CA SER A 500 -17.84 5.47 -6.07
C SER A 500 -17.63 4.08 -6.65
N SER A 501 -17.09 4.00 -7.88
CA SER A 501 -16.72 2.75 -8.54
C SER A 501 -15.60 2.06 -7.77
N LEU A 502 -14.67 2.88 -7.25
CA LEU A 502 -13.49 2.43 -6.51
C LEU A 502 -13.87 1.71 -5.21
N VAL A 503 -14.74 2.30 -4.37
CA VAL A 503 -15.10 1.75 -3.07
C VAL A 503 -15.91 0.47 -3.25
N ARG A 504 -16.75 0.42 -4.29
CA ARG A 504 -17.54 -0.76 -4.64
C ARG A 504 -16.65 -1.90 -5.12
N PHE A 505 -15.60 -1.54 -5.88
CA PHE A 505 -14.55 -2.44 -6.35
C PHE A 505 -13.83 -3.07 -5.15
N LEU A 506 -13.38 -2.24 -4.20
CA LEU A 506 -12.64 -2.69 -3.03
C LEU A 506 -13.49 -3.61 -2.15
N LEU A 507 -14.75 -3.20 -1.91
CA LEU A 507 -15.68 -3.95 -1.08
C LEU A 507 -16.06 -5.28 -1.75
N SER A 508 -16.14 -5.29 -3.09
CA SER A 508 -16.40 -6.48 -3.88
C SER A 508 -15.28 -7.52 -3.73
N ARG A 509 -14.02 -7.07 -3.81
CA ARG A 509 -12.83 -7.91 -3.66
C ARG A 509 -12.69 -8.40 -2.22
N ALA A 510 -13.03 -7.55 -1.24
CA ALA A 510 -12.98 -7.85 0.19
C ALA A 510 -13.92 -9.01 0.53
N LEU A 511 -15.12 -8.99 -0.10
CA LEU A 511 -16.15 -10.00 0.04
C LEU A 511 -15.64 -11.34 -0.50
N GLY A 512 -14.97 -11.31 -1.67
CA GLY A 512 -14.52 -12.51 -2.35
C GLY A 512 -13.18 -13.07 -1.88
N ASN A 513 -12.47 -12.37 -0.97
CA ASN A 513 -11.12 -12.74 -0.54
C ASN A 513 -10.88 -12.23 0.87
N ILE A 514 -10.56 -13.11 1.81
CA ILE A 514 -10.51 -12.75 3.24
C ILE A 514 -9.18 -12.04 3.57
N GLN A 515 -8.14 -12.24 2.77
CA GLN A 515 -6.87 -11.55 2.95
C GLN A 515 -7.01 -10.06 2.63
N ILE A 516 -7.81 -9.75 1.61
CA ILE A 516 -8.06 -8.39 1.16
C ILE A 516 -8.93 -7.66 2.18
N ALA A 517 -9.99 -8.32 2.67
CA ALA A 517 -10.88 -7.80 3.69
C ALA A 517 -10.10 -7.46 4.97
N HIS A 518 -9.22 -8.39 5.37
CA HIS A 518 -8.38 -8.28 6.55
C HIS A 518 -7.43 -7.09 6.43
N SER A 519 -6.78 -6.94 5.26
CA SER A 519 -5.84 -5.88 4.98
C SER A 519 -6.54 -4.51 4.94
N LEU A 520 -7.72 -4.45 4.31
CA LEU A 520 -8.51 -3.24 4.19
C LEU A 520 -8.88 -2.72 5.58
N TYR A 521 -9.24 -3.64 6.50
CA TYR A 521 -9.62 -3.31 7.86
C TYR A 521 -8.57 -2.42 8.52
N TRP A 522 -7.33 -2.91 8.57
CA TRP A 522 -6.22 -2.29 9.26
C TRP A 522 -5.81 -0.97 8.61
N LEU A 523 -5.91 -0.91 7.27
CA LEU A 523 -5.55 0.25 6.47
C LEU A 523 -6.57 1.39 6.65
N LEU A 524 -7.86 1.03 6.68
CA LEU A 524 -8.96 1.96 6.89
C LEU A 524 -8.95 2.45 8.34
N LYS A 525 -8.60 1.57 9.30
CA LYS A 525 -8.57 1.94 10.71
C LYS A 525 -7.47 2.97 11.00
N ASP A 526 -6.34 2.88 10.27
CA ASP A 526 -5.25 3.85 10.32
C ASP A 526 -5.65 5.18 9.66
N ALA A 527 -6.43 5.10 8.59
CA ALA A 527 -6.86 6.23 7.78
C ALA A 527 -7.84 7.13 8.53
N LEU A 528 -8.53 6.55 9.54
CA LEU A 528 -9.53 7.25 10.35
C LEU A 528 -8.93 8.47 11.05
N HIS A 529 -7.62 8.43 11.34
CA HIS A 529 -6.89 9.46 12.07
C HIS A 529 -6.67 10.73 11.24
N ASP A 530 -6.98 10.68 9.93
CA ASP A 530 -6.97 11.85 9.06
C ASP A 530 -8.11 12.79 9.49
N THR A 531 -7.78 14.03 9.90
CA THR A 531 -8.75 14.96 10.46
C THR A 531 -9.78 15.42 9.41
N HIS A 532 -9.35 15.47 8.13
CA HIS A 532 -10.17 15.94 7.02
C HIS A 532 -11.06 14.83 6.47
N PHE A 533 -10.49 13.61 6.34
CA PHE A 533 -11.13 12.48 5.66
C PHE A 533 -11.53 11.38 6.64
N GLY A 534 -11.39 11.62 7.96
CA GLY A 534 -11.76 10.63 8.96
C GLY A 534 -13.25 10.27 8.91
N SER A 535 -14.10 11.22 8.51
CA SER A 535 -15.54 11.04 8.39
C SER A 535 -15.88 10.10 7.24
N ARG A 536 -15.16 10.22 6.11
CA ARG A 536 -15.35 9.40 4.92
C ARG A 536 -15.00 7.94 5.22
N TYR A 537 -13.79 7.72 5.78
CA TYR A 537 -13.25 6.41 6.08
C TYR A 537 -14.07 5.67 7.13
N GLU A 538 -14.73 6.42 8.00
CA GLU A 538 -15.66 5.90 9.00
C GLU A 538 -16.79 5.13 8.32
N HIS A 539 -17.36 5.70 7.26
CA HIS A 539 -18.45 5.11 6.50
C HIS A 539 -17.99 3.90 5.71
N VAL A 540 -16.75 3.94 5.19
CA VAL A 540 -16.18 2.89 4.35
C VAL A 540 -15.89 1.65 5.19
N LEU A 541 -15.29 1.86 6.38
CA LEU A 541 -14.95 0.79 7.31
C LEU A 541 -16.21 0.15 7.90
N GLY A 542 -17.23 0.97 8.18
CA GLY A 542 -18.55 0.56 8.62
C GLY A 542 -19.21 -0.37 7.60
N ALA A 543 -19.03 -0.06 6.31
CA ALA A 543 -19.53 -0.84 5.19
C ALA A 543 -18.78 -2.17 5.06
N LEU A 544 -17.45 -2.15 5.28
CA LEU A 544 -16.59 -3.34 5.23
C LEU A 544 -16.97 -4.29 6.37
N LEU A 545 -17.01 -3.76 7.61
CA LEU A 545 -17.27 -4.56 8.80
C LEU A 545 -18.67 -5.17 8.73
N SER A 546 -19.66 -4.39 8.28
CA SER A 546 -21.04 -4.82 8.14
C SER A 546 -21.18 -5.96 7.14
N VAL A 547 -20.49 -5.81 6.00
CA VAL A 547 -20.61 -6.71 4.86
C VAL A 547 -19.74 -7.96 5.07
N GLY A 548 -18.76 -7.87 5.99
CA GLY A 548 -17.82 -8.94 6.29
C GLY A 548 -18.48 -10.13 6.96
N GLY A 549 -19.48 -9.85 7.79
CA GLY A 549 -20.22 -10.88 8.49
C GLY A 549 -19.77 -11.00 9.94
N LYS A 550 -20.60 -11.68 10.76
CA LYS A 550 -20.36 -11.88 12.19
C LYS A 550 -19.05 -12.63 12.42
N GLY A 551 -18.79 -13.65 11.58
CA GLY A 551 -17.59 -14.47 11.66
C GLY A 551 -16.30 -13.65 11.63
N LEU A 552 -16.13 -12.86 10.55
CA LEU A 552 -14.96 -12.02 10.36
C LEU A 552 -14.84 -10.95 11.45
N ARG A 553 -15.98 -10.27 11.75
CA ARG A 553 -16.07 -9.20 12.74
C ARG A 553 -15.55 -9.66 14.11
N GLU A 554 -16.06 -10.81 14.58
CA GLU A 554 -15.77 -11.32 15.91
C GLU A 554 -14.29 -11.67 16.03
N GLU A 555 -13.67 -12.05 14.89
CA GLU A 555 -12.27 -12.43 14.83
C GLU A 555 -11.38 -11.18 14.86
N LEU A 556 -11.79 -10.15 14.11
CA LEU A 556 -11.10 -8.88 14.04
C LEU A 556 -11.13 -8.16 15.41
N SER A 557 -12.23 -8.36 16.17
CA SER A 557 -12.39 -7.83 17.53
C SER A 557 -11.35 -8.40 18.48
N LYS A 558 -11.15 -9.73 18.39
CA LYS A 558 -10.13 -10.44 19.14
C LYS A 558 -8.73 -9.92 18.82
N GLN A 559 -8.48 -9.64 17.53
CA GLN A 559 -7.21 -9.11 17.04
C GLN A 559 -6.97 -7.69 17.58
N MET A 560 -8.05 -6.88 17.60
CA MET A 560 -8.02 -5.51 18.11
C MET A 560 -7.71 -5.47 19.61
N LYS A 561 -8.22 -6.47 20.35
CA LYS A 561 -8.07 -6.56 21.80
C LYS A 561 -6.64 -6.98 22.13
N LEU A 562 -6.08 -7.91 21.34
CA LEU A 562 -4.74 -8.45 21.52
C LEU A 562 -3.70 -7.33 21.38
N VAL A 563 -3.83 -6.51 20.31
CA VAL A 563 -2.91 -5.41 20.05
C VAL A 563 -3.04 -4.34 21.12
N GLN A 564 -4.27 -4.14 21.65
CA GLN A 564 -4.54 -3.19 22.73
C GLN A 564 -3.87 -3.64 24.03
N LEU A 565 -3.81 -4.95 24.25
CA LEU A 565 -3.16 -5.53 25.42
C LEU A 565 -1.64 -5.50 25.24
N LEU A 566 -1.18 -5.95 24.07
CA LEU A 566 0.22 -5.91 23.70
C LEU A 566 0.74 -4.48 23.72
N GLY A 567 -0.15 -3.53 23.35
CA GLY A 567 0.16 -2.11 23.42
C GLY A 567 0.36 -1.61 24.85
N GLY A 568 -0.50 -2.06 25.78
CA GLY A 568 -0.42 -1.73 27.20
C GLY A 568 0.92 -2.11 27.81
N VAL A 569 1.30 -3.40 27.67
CA VAL A 569 2.55 -3.92 28.18
C VAL A 569 3.76 -3.23 27.54
N ALA A 570 3.67 -2.94 26.22
CA ALA A 570 4.75 -2.37 25.44
C ALA A 570 5.23 -1.04 26.03
N GLU A 571 4.27 -0.15 26.34
CA GLU A 571 4.52 1.18 26.90
C GLU A 571 4.80 1.10 28.40
N LYS A 572 4.22 0.10 29.08
CA LYS A 572 4.51 -0.15 30.49
C LYS A 572 5.97 -0.57 30.68
N VAL A 573 6.50 -1.37 29.73
CA VAL A 573 7.86 -1.88 29.74
C VAL A 573 8.85 -0.71 29.60
N ARG A 574 8.57 0.19 28.64
CA ARG A 574 9.43 1.34 28.33
C ARG A 574 9.43 2.38 29.45
N GLN A 575 8.44 2.34 30.36
CA GLN A 575 8.22 3.37 31.38
C GLN A 575 8.82 2.99 32.74
N ALA A 576 9.59 1.89 32.79
CA ALA A 576 10.16 1.35 34.03
C ALA A 576 11.69 1.41 34.01
N SER A 577 12.32 1.15 35.17
CA SER A 577 13.77 1.03 35.31
C SER A 577 14.25 -0.37 34.95
N GLY A 578 15.58 -0.49 34.78
CA GLY A 578 16.26 -1.71 34.34
C GLY A 578 15.84 -2.96 35.12
N SER A 579 15.87 -2.86 36.45
CA SER A 579 15.45 -3.95 37.32
C SER A 579 13.98 -4.27 37.07
N THR A 580 13.17 -3.19 37.09
CA THR A 580 11.72 -3.26 37.01
C THR A 580 11.26 -3.90 35.69
N ARG A 581 11.99 -3.64 34.59
CA ARG A 581 11.53 -3.97 33.25
C ARG A 581 11.13 -5.44 33.12
N GLN A 582 12.04 -6.33 33.56
CA GLN A 582 11.85 -7.77 33.40
C GLN A 582 10.65 -8.26 34.21
N VAL A 583 10.47 -7.69 35.41
CA VAL A 583 9.36 -8.01 36.31
C VAL A 583 8.06 -7.41 35.76
N VAL A 584 8.14 -6.17 35.23
CA VAL A 584 7.01 -5.47 34.62
C VAL A 584 6.41 -6.30 33.49
N LEU A 585 7.27 -6.78 32.58
CA LEU A 585 6.88 -7.61 31.45
C LEU A 585 6.14 -8.88 31.93
N GLN A 586 6.76 -9.62 32.86
CA GLN A 586 6.23 -10.86 33.40
C GLN A 586 4.86 -10.67 34.05
N LYS A 587 4.62 -9.46 34.61
CA LYS A 587 3.40 -9.11 35.33
C LYS A 587 2.38 -8.52 34.36
N SER A 588 2.85 -7.69 33.43
CA SER A 588 2.01 -7.07 32.41
C SER A 588 1.42 -8.11 31.45
N MET A 589 2.16 -9.21 31.22
CA MET A 589 1.81 -10.28 30.29
C MET A 589 0.74 -11.21 30.87
N GLU A 590 0.45 -11.08 32.17
CA GLU A 590 -0.58 -11.85 32.85
C GLU A 590 -1.96 -11.54 32.28
N ARG A 591 -2.19 -10.27 31.92
CA ARG A 591 -3.44 -9.77 31.36
C ARG A 591 -3.63 -10.29 29.92
N VAL A 592 -2.50 -10.55 29.24
CA VAL A 592 -2.46 -11.19 27.92
C VAL A 592 -2.68 -12.69 28.06
N GLN A 593 -2.10 -13.28 29.13
CA GLN A 593 -2.30 -14.68 29.49
C GLN A 593 -3.79 -14.93 29.77
N SER A 594 -4.46 -13.97 30.43
CA SER A 594 -5.90 -14.01 30.70
C SER A 594 -6.71 -14.01 29.40
N PHE A 595 -6.35 -13.12 28.46
CA PHE A 595 -6.96 -13.01 27.13
C PHE A 595 -6.99 -14.37 26.39
N PHE A 596 -5.86 -15.09 26.42
CA PHE A 596 -5.66 -16.32 25.65
C PHE A 596 -6.33 -17.53 26.29
N LEU A 597 -6.74 -17.38 27.57
CA LEU A 597 -7.47 -18.41 28.32
C LEU A 597 -8.97 -18.35 28.04
N ARG A 598 -9.46 -17.21 27.52
CA ARG A 598 -10.86 -17.03 27.17
C ARG A 598 -11.06 -16.96 25.65
N ASN A 599 -9.97 -16.74 24.89
CA ASN A 599 -10.02 -16.70 23.43
C ASN A 599 -8.74 -17.31 22.84
N LYS A 600 -8.87 -17.77 21.59
CA LYS A 600 -7.76 -18.07 20.71
C LYS A 600 -7.80 -17.06 19.56
N CYS A 601 -6.71 -16.31 19.37
CA CYS A 601 -6.63 -15.19 18.44
C CYS A 601 -5.69 -15.47 17.26
N ARG A 602 -6.06 -14.97 16.06
CA ARG A 602 -5.20 -15.06 14.87
C ARG A 602 -4.25 -13.87 14.89
N LEU A 603 -3.00 -14.08 14.48
CA LEU A 603 -1.98 -13.04 14.56
C LEU A 603 -2.32 -11.96 13.54
N PRO A 604 -2.49 -10.67 13.95
CA PRO A 604 -2.86 -9.60 13.01
C PRO A 604 -1.91 -9.46 11.83
N LEU A 605 -0.61 -9.64 12.09
CA LEU A 605 0.45 -9.54 11.10
C LEU A 605 0.29 -10.59 10.01
N LYS A 606 -0.01 -11.84 10.41
CA LYS A 606 -0.22 -12.97 9.51
C LYS A 606 -1.41 -13.78 10.01
N PRO A 607 -2.65 -13.44 9.59
CA PRO A 607 -3.85 -14.03 10.19
C PRO A 607 -4.08 -15.52 9.91
N SER A 608 -3.15 -16.17 9.20
CA SER A 608 -3.16 -17.62 8.99
C SER A 608 -2.74 -18.37 10.25
N LEU A 609 -1.88 -17.72 11.05
CA LEU A 609 -1.36 -18.27 12.30
C LEU A 609 -2.35 -17.99 13.42
N VAL A 610 -2.78 -19.06 14.14
CA VAL A 610 -3.74 -18.99 15.25
C VAL A 610 -2.99 -19.31 16.53
N ALA A 611 -2.88 -18.31 17.44
CA ALA A 611 -2.20 -18.45 18.73
C ALA A 611 -3.23 -18.80 19.80
N LYS A 612 -2.93 -19.83 20.62
CA LYS A 612 -3.86 -20.32 21.64
C LYS A 612 -3.45 -19.89 23.05
N GLU A 613 -2.14 -19.66 23.22
CA GLU A 613 -1.51 -19.39 24.50
C GLU A 613 -0.22 -18.60 24.25
N LEU A 614 0.22 -17.85 25.28
CA LEU A 614 1.48 -17.11 25.27
C LEU A 614 2.54 -17.95 25.98
N ASN A 615 3.78 -17.94 25.45
CA ASN A 615 4.93 -18.60 26.03
C ASN A 615 5.71 -17.58 26.87
N ILE A 616 5.18 -17.27 28.08
CA ILE A 616 5.59 -16.09 28.85
C ILE A 616 7.09 -16.13 29.15
N LYS A 617 7.60 -17.35 29.42
CA LYS A 617 8.99 -17.60 29.77
C LYS A 617 9.93 -17.26 28.61
N SER A 618 9.39 -17.29 27.37
CA SER A 618 10.12 -17.03 26.14
C SER A 618 9.99 -15.55 25.72
N CYS A 619 8.93 -14.86 26.18
CA CYS A 619 8.69 -13.45 25.92
C CYS A 619 9.77 -12.59 26.58
N SER A 620 10.11 -11.45 25.95
CA SER A 620 11.29 -10.63 26.28
C SER A 620 11.19 -9.26 25.60
N PHE A 621 12.20 -8.38 25.82
CA PHE A 621 12.34 -7.09 25.13
C PHE A 621 13.74 -7.02 24.48
N PHE A 622 13.80 -6.28 23.37
CA PHE A 622 15.00 -6.10 22.58
C PHE A 622 15.63 -4.83 23.09
N SER A 623 16.82 -4.93 23.64
CA SER A 623 17.33 -3.75 24.29
C SER A 623 17.93 -2.78 23.27
N SER A 624 17.06 -1.88 22.78
CA SER A 624 17.33 -0.76 21.89
C SER A 624 16.46 0.43 22.31
N ASN A 625 16.32 1.49 21.50
CA ASN A 625 15.82 2.75 22.05
C ASN A 625 14.31 2.75 22.33
N ALA A 626 13.42 2.07 21.56
CA ALA A 626 11.99 2.04 21.91
C ALA A 626 11.63 0.87 22.84
N MET A 627 12.61 0.03 23.18
CA MET A 627 12.43 -1.18 23.98
C MET A 627 11.29 -2.01 23.39
N PRO A 628 11.43 -2.53 22.13
CA PRO A 628 10.38 -3.34 21.53
C PRO A 628 10.26 -4.68 22.24
N LEU A 629 9.05 -5.25 22.23
CA LEU A 629 8.74 -6.56 22.80
C LEU A 629 9.06 -7.69 21.80
N LYS A 630 9.40 -8.87 22.35
CA LYS A 630 9.52 -10.12 21.62
C LYS A 630 8.42 -11.06 22.14
N VAL A 631 7.23 -10.96 21.53
CA VAL A 631 6.07 -11.76 21.91
C VAL A 631 6.20 -13.14 21.26
N THR A 632 6.29 -14.22 22.07
CA THR A 632 6.38 -15.59 21.63
C THR A 632 5.11 -16.33 22.05
N MET A 633 4.26 -16.64 21.07
CA MET A 633 3.01 -17.36 21.26
C MET A 633 3.15 -18.78 20.69
N VAL A 634 2.47 -19.76 21.32
CA VAL A 634 2.43 -21.15 20.88
C VAL A 634 1.27 -21.33 19.92
N ASN A 635 1.49 -22.15 18.88
CA ASN A 635 0.55 -22.33 17.78
C ASN A 635 -0.62 -23.20 18.26
N ALA A 636 -1.85 -22.89 17.83
CA ALA A 636 -3.02 -23.71 18.10
C ALA A 636 -2.97 -25.02 17.31
N ASP A 637 -2.22 -25.05 16.19
CA ASP A 637 -1.96 -26.25 15.40
C ASP A 637 -0.66 -26.91 15.89
N PRO A 638 -0.70 -28.17 16.40
CA PRO A 638 0.53 -28.87 16.81
C PRO A 638 1.50 -29.15 15.66
N LEU A 639 0.97 -29.24 14.42
CA LEU A 639 1.75 -29.43 13.20
C LEU A 639 2.55 -28.16 12.87
N GLY A 640 2.08 -27.02 13.39
CA GLY A 640 2.73 -25.73 13.19
C GLY A 640 3.92 -25.52 14.12
N GLU A 641 4.54 -24.35 13.95
CA GLU A 641 5.74 -23.91 14.64
C GLU A 641 5.38 -22.65 15.44
N GLU A 642 6.07 -22.46 16.57
CA GLU A 642 5.92 -21.33 17.48
C GLU A 642 5.85 -20.00 16.71
N ILE A 643 5.07 -19.04 17.22
CA ILE A 643 4.84 -17.74 16.60
C ILE A 643 5.70 -16.68 17.29
N ASN A 644 6.69 -16.12 16.58
CA ASN A 644 7.56 -15.07 17.08
C ASN A 644 7.31 -13.78 16.27
N VAL A 645 6.81 -12.75 16.97
CA VAL A 645 6.53 -11.41 16.45
C VAL A 645 7.11 -10.37 17.42
N MET A 646 7.45 -9.18 16.90
CA MET A 646 7.85 -8.04 17.70
C MET A 646 6.70 -7.03 17.70
N PHE A 647 6.42 -6.45 18.89
CA PHE A 647 5.46 -5.37 19.03
C PHE A 647 6.20 -4.12 19.53
N LYS A 648 6.22 -3.08 18.68
CA LYS A 648 6.95 -1.83 18.87
C LYS A 648 5.93 -0.71 19.09
N VAL A 649 6.31 0.25 19.97
CA VAL A 649 5.50 1.43 20.28
C VAL A 649 6.37 2.68 20.23
N GLY A 650 5.80 3.76 19.69
CA GLY A 650 6.48 5.05 19.65
C GLY A 650 6.73 5.56 18.23
N GLU A 651 7.15 4.62 17.35
CA GLU A 651 7.57 4.92 15.98
C GLU A 651 6.38 4.72 15.04
N ASP A 652 6.30 5.58 14.01
CA ASP A 652 5.30 5.51 12.95
C ASP A 652 5.79 4.47 11.93
N LEU A 653 5.11 3.31 11.94
CA LEU A 653 5.53 2.12 11.21
C LEU A 653 4.97 2.15 9.78
N ARG A 654 4.32 3.26 9.38
CA ARG A 654 3.71 3.37 8.06
C ARG A 654 4.78 3.61 6.98
N GLN A 655 5.85 4.36 7.32
CA GLN A 655 6.94 4.63 6.39
C GLN A 655 7.88 3.42 6.28
N ASP A 656 7.95 2.65 7.37
CA ASP A 656 8.58 1.34 7.37
C ASP A 656 7.80 0.40 6.46
N MET A 657 6.46 0.46 6.52
CA MET A 657 5.53 -0.34 5.74
C MET A 657 5.69 -0.06 4.24
N LEU A 658 5.88 1.23 3.90
CA LEU A 658 5.99 1.68 2.52
C LEU A 658 7.30 1.21 1.91
N ALA A 659 8.40 1.37 2.66
CA ALA A 659 9.71 0.92 2.26
C ALA A 659 9.71 -0.57 1.93
N LEU A 660 9.17 -1.38 2.85
CA LEU A 660 9.01 -2.83 2.70
C LEU A 660 8.15 -3.18 1.48
N GLN A 661 7.07 -2.42 1.27
CA GLN A 661 6.18 -2.59 0.13
C GLN A 661 6.96 -2.34 -1.17
N MET A 662 7.67 -1.20 -1.25
CA MET A 662 8.43 -0.80 -2.42
C MET A 662 9.48 -1.87 -2.75
N ILE A 663 10.18 -2.37 -1.72
CA ILE A 663 11.18 -3.43 -1.86
C ILE A 663 10.53 -4.72 -2.35
N LYS A 664 9.31 -5.01 -1.88
CA LYS A 664 8.56 -6.20 -2.26
C LYS A 664 8.12 -6.14 -3.72
N ILE A 665 7.73 -4.94 -4.17
CA ILE A 665 7.33 -4.71 -5.56
C ILE A 665 8.55 -4.84 -6.47
N MET A 666 9.71 -4.31 -6.06
CA MET A 666 10.97 -4.48 -6.76
C MET A 666 11.27 -5.95 -6.96
N ASP A 667 11.05 -6.76 -5.92
CA ASP A 667 11.23 -8.20 -5.94
C ASP A 667 10.28 -8.85 -6.97
N LYS A 668 9.01 -8.43 -6.99
CA LYS A 668 8.01 -8.93 -7.92
C LYS A 668 8.42 -8.66 -9.37
N ILE A 669 8.93 -7.44 -9.65
CA ILE A 669 9.39 -6.97 -10.95
C ILE A 669 10.51 -7.89 -11.45
N TRP A 670 11.52 -8.06 -10.57
CA TRP A 670 12.70 -8.87 -10.81
C TRP A 670 12.31 -10.31 -11.12
N LEU A 671 11.45 -10.91 -10.28
CA LEU A 671 11.02 -12.30 -10.38
C LEU A 671 10.21 -12.55 -11.65
N LYS A 672 9.45 -11.52 -12.09
CA LYS A 672 8.61 -11.58 -13.27
C LYS A 672 9.45 -11.53 -14.54
N GLU A 673 10.72 -11.11 -14.42
CA GLU A 673 11.69 -11.08 -15.52
C GLU A 673 12.77 -12.16 -15.35
N GLY A 674 12.56 -13.08 -14.41
CA GLY A 674 13.42 -14.24 -14.18
C GLY A 674 14.69 -13.95 -13.38
N LEU A 675 14.77 -12.79 -12.70
CA LEU A 675 15.87 -12.42 -11.81
C LEU A 675 15.46 -12.55 -10.34
N ASP A 676 16.00 -13.57 -9.66
CA ASP A 676 15.74 -13.86 -8.26
C ASP A 676 16.98 -13.49 -7.45
N LEU A 677 16.88 -12.34 -6.73
CA LEU A 677 17.99 -11.79 -5.95
C LEU A 677 17.88 -12.22 -4.48
N ARG A 678 17.02 -13.22 -4.21
CA ARG A 678 16.99 -13.94 -2.93
C ARG A 678 16.75 -12.98 -1.76
N MET A 679 15.77 -12.07 -1.93
CA MET A 679 15.49 -10.97 -1.02
C MET A 679 14.71 -11.49 0.19
N VAL A 680 15.01 -10.95 1.39
CA VAL A 680 14.22 -11.20 2.60
C VAL A 680 13.03 -10.22 2.61
N ILE A 681 11.79 -10.75 2.57
CA ILE A 681 10.56 -9.97 2.51
C ILE A 681 9.75 -10.24 3.79
N PHE A 682 9.94 -9.42 4.83
CA PHE A 682 9.27 -9.58 6.12
C PHE A 682 8.11 -8.59 6.27
N ARG A 683 7.10 -8.95 7.08
CA ARG A 683 5.87 -8.20 7.25
C ARG A 683 6.04 -7.17 8.35
N CYS A 684 5.20 -6.13 8.28
CA CYS A 684 5.12 -5.06 9.25
C CYS A 684 3.72 -4.44 9.14
N LEU A 685 3.01 -4.33 10.27
CA LEU A 685 1.65 -3.83 10.30
C LEU A 685 1.52 -2.74 11.36
N SER A 686 0.94 -1.59 10.97
CA SER A 686 0.56 -0.52 11.86
C SER A 686 -0.84 -0.78 12.42
N THR A 687 -0.91 -1.03 13.74
CA THR A 687 -2.15 -1.38 14.45
C THR A 687 -2.55 -0.23 15.38
N GLY A 688 -2.57 0.99 14.84
CA GLY A 688 -2.90 2.21 15.58
C GLY A 688 -1.89 3.31 15.29
N ARG A 689 -1.98 4.40 16.06
CA ARG A 689 -1.10 5.55 15.97
C ARG A 689 0.25 5.22 16.62
N ASP A 690 1.30 5.11 15.80
CA ASP A 690 2.69 4.98 16.25
C ASP A 690 2.90 3.69 17.06
N ARG A 691 2.28 2.60 16.58
CA ARG A 691 2.45 1.28 17.15
C ARG A 691 1.94 0.23 16.16
N GLY A 692 2.59 -0.94 16.20
CA GLY A 692 2.25 -2.10 15.38
C GLY A 692 3.18 -3.26 15.70
N MET A 693 3.04 -4.37 14.96
CA MET A 693 3.90 -5.54 15.14
C MET A 693 4.68 -5.81 13.86
N VAL A 694 5.94 -6.28 14.02
CA VAL A 694 6.89 -6.54 12.95
C VAL A 694 7.25 -8.03 12.98
N GLU A 695 7.32 -8.69 11.81
CA GLU A 695 7.76 -10.07 11.68
C GLU A 695 9.25 -10.15 12.05
N LEU A 696 9.60 -11.13 12.91
CA LEU A 696 10.98 -11.40 13.30
C LEU A 696 11.58 -12.49 12.42
N VAL A 697 12.58 -12.10 11.63
CA VAL A 697 13.37 -13.01 10.81
C VAL A 697 14.24 -13.88 11.72
N PRO A 698 14.15 -15.23 11.68
CA PRO A 698 14.94 -16.09 12.58
C PRO A 698 16.38 -16.33 12.13
N ALA A 699 17.28 -16.54 13.12
CA ALA A 699 18.69 -16.84 12.95
C ALA A 699 19.40 -15.75 12.15
N SER A 700 19.18 -14.50 12.60
CA SER A 700 19.69 -13.29 11.96
C SER A 700 20.10 -12.28 13.04
N ASP A 701 21.27 -11.64 12.84
CA ASP A 701 21.78 -10.55 13.69
C ASP A 701 22.15 -9.36 12.82
N THR A 702 22.35 -8.20 13.46
CA THR A 702 22.81 -6.97 12.81
C THR A 702 24.31 -7.10 12.49
N LEU A 703 24.82 -6.34 11.50
CA LEU A 703 26.22 -6.35 11.13
C LEU A 703 27.09 -5.87 12.30
N ARG A 704 26.52 -4.96 13.13
CA ARG A 704 27.18 -4.43 14.31
C ARG A 704 27.56 -5.55 15.28
N LYS A 705 26.56 -6.30 15.76
CA LYS A 705 26.79 -7.43 16.67
C LYS A 705 27.77 -8.47 16.10
N ILE A 706 27.68 -8.74 14.78
CA ILE A 706 28.58 -9.66 14.07
C ILE A 706 30.01 -9.10 14.13
N GLN A 707 30.15 -7.78 13.92
CA GLN A 707 31.44 -7.12 13.81
C GLN A 707 32.15 -7.04 15.17
N VAL A 708 31.38 -6.93 16.28
CA VAL A 708 31.94 -6.81 17.62
C VAL A 708 32.27 -8.18 18.22
N GLU A 709 31.42 -9.20 17.97
CA GLU A 709 31.59 -10.54 18.55
C GLU A 709 32.76 -11.30 17.93
N TYR A 710 33.10 -10.97 16.67
CA TYR A 710 34.21 -11.59 15.95
C TYR A 710 35.32 -10.56 15.67
N GLY A 711 35.25 -9.43 16.39
CA GLY A 711 36.38 -8.53 16.59
C GLY A 711 37.04 -8.77 17.94
N VAL A 712 36.34 -9.53 18.81
CA VAL A 712 36.86 -10.09 20.06
C VAL A 712 37.84 -11.22 19.77
N THR A 713 37.72 -11.85 18.58
CA THR A 713 38.57 -12.99 18.23
C THR A 713 39.23 -12.73 16.86
N PHE A 716 39.54 -12.47 10.59
CA PHE A 716 39.99 -11.70 11.79
C PHE A 716 39.16 -10.42 11.86
N LYS A 717 39.75 -9.26 11.52
CA LYS A 717 39.07 -7.96 11.50
C LYS A 717 38.90 -7.49 10.06
N ASP A 718 39.24 -8.37 9.11
CA ASP A 718 38.90 -8.25 7.70
C ASP A 718 37.82 -9.26 7.33
N LYS A 719 37.63 -10.31 8.16
CA LYS A 719 36.64 -11.33 7.85
C LYS A 719 35.63 -11.62 8.98
N PRO A 720 35.04 -10.65 9.72
CA PRO A 720 34.10 -10.99 10.80
C PRO A 720 32.83 -11.63 10.27
N LEU A 721 32.27 -11.12 9.15
CA LEU A 721 31.06 -11.69 8.55
C LEU A 721 31.38 -13.07 7.95
N ALA A 722 32.55 -13.18 7.31
CA ALA A 722 32.98 -14.43 6.71
C ALA A 722 32.99 -15.55 7.75
N GLU A 723 33.63 -15.29 8.90
CA GLU A 723 33.81 -16.26 9.97
C GLU A 723 32.51 -16.45 10.75
N TRP A 724 31.57 -15.51 10.65
CA TRP A 724 30.20 -15.64 11.17
C TRP A 724 29.41 -16.64 10.32
N LEU A 725 29.50 -16.54 8.99
CA LEU A 725 28.79 -17.39 8.05
C LEU A 725 29.36 -18.81 8.07
N ARG A 726 30.68 -18.94 8.27
CA ARG A 726 31.38 -20.22 8.36
C ARG A 726 30.97 -20.96 9.63
N LYS A 727 30.67 -20.22 10.71
CA LYS A 727 30.22 -20.74 11.99
C LYS A 727 28.95 -21.58 11.79
N TYR A 728 28.01 -21.08 10.98
CA TYR A 728 26.70 -21.70 10.74
C TYR A 728 26.67 -22.49 9.43
N ASN A 729 27.66 -22.24 8.56
CA ASN A 729 27.83 -22.94 7.31
C ASN A 729 29.27 -23.46 7.19
N PRO A 730 29.61 -24.58 7.88
CA PRO A 730 30.99 -25.04 8.00
C PRO A 730 31.57 -25.72 6.75
N SER A 731 30.79 -26.59 6.06
CA SER A 731 31.26 -27.28 4.87
CA SER A 731 31.27 -27.27 4.87
C SER A 731 31.45 -26.27 3.73
N GLU A 732 32.34 -26.63 2.78
CA GLU A 732 32.73 -25.81 1.64
C GLU A 732 31.50 -25.41 0.81
N GLU A 733 30.62 -26.38 0.53
CA GLU A 733 29.44 -26.14 -0.29
C GLU A 733 28.39 -25.34 0.49
N GLU A 734 28.36 -25.49 1.83
CA GLU A 734 27.48 -24.76 2.72
C GLU A 734 27.90 -23.29 2.80
N TYR A 735 29.22 -23.03 2.88
CA TYR A 735 29.73 -21.67 2.87
C TYR A 735 29.60 -21.02 1.50
N GLU A 736 29.74 -21.81 0.42
CA GLU A 736 29.58 -21.40 -0.97
C GLU A 736 28.16 -20.87 -1.20
N LYS A 737 27.14 -21.63 -0.76
CA LYS A 737 25.75 -21.27 -0.96
C LYS A 737 25.39 -20.05 -0.11
N ALA A 738 26.03 -19.92 1.06
CA ALA A 738 25.82 -18.80 1.97
C ALA A 738 26.43 -17.52 1.42
N SER A 739 27.63 -17.63 0.85
CA SER A 739 28.33 -16.54 0.18
C SER A 739 27.57 -16.08 -1.06
N GLU A 740 27.01 -17.05 -1.80
CA GLU A 740 26.22 -16.81 -3.00
C GLU A 740 24.94 -16.05 -2.62
N ASN A 741 24.25 -16.53 -1.57
CA ASN A 741 23.04 -15.92 -1.03
C ASN A 741 23.29 -14.45 -0.72
N PHE A 742 24.45 -14.16 -0.10
CA PHE A 742 24.88 -12.81 0.23
C PHE A 742 24.99 -11.93 -1.03
N ILE A 743 25.75 -12.40 -2.02
CA ILE A 743 25.96 -11.73 -3.29
C ILE A 743 24.63 -11.22 -3.86
N TYR A 744 23.65 -12.12 -4.00
CA TYR A 744 22.36 -11.85 -4.62
C TYR A 744 21.54 -10.87 -3.79
N SER A 745 21.38 -11.17 -2.49
CA SER A 745 20.61 -10.37 -1.54
C SER A 745 21.22 -8.96 -1.37
N CYS A 746 22.56 -8.89 -1.42
CA CYS A 746 23.30 -7.65 -1.27
C CYS A 746 23.09 -6.74 -2.48
N ALA A 747 23.13 -7.34 -3.68
CA ALA A 747 22.88 -6.66 -4.94
C ALA A 747 21.51 -5.98 -4.90
N GLY A 748 20.48 -6.75 -4.51
CA GLY A 748 19.12 -6.27 -4.36
C GLY A 748 18.98 -5.12 -3.36
N CYS A 749 19.73 -5.20 -2.23
CA CYS A 749 19.74 -4.18 -1.19
C CYS A 749 20.41 -2.89 -1.67
N CYS A 750 21.52 -3.03 -2.38
CA CYS A 750 22.28 -1.91 -2.94
C CYS A 750 21.45 -1.13 -3.97
N VAL A 751 20.72 -1.86 -4.84
CA VAL A 751 19.82 -1.25 -5.81
C VAL A 751 18.69 -0.52 -5.08
N ALA A 752 18.00 -1.23 -4.17
CA ALA A 752 16.89 -0.69 -3.38
C ALA A 752 17.32 0.55 -2.58
N THR A 753 18.52 0.49 -1.97
CA THR A 753 19.09 1.57 -1.18
C THR A 753 19.15 2.86 -2.01
N TYR A 754 19.65 2.73 -3.25
CA TYR A 754 19.86 3.86 -4.15
C TYR A 754 18.54 4.44 -4.66
N VAL A 755 17.69 3.58 -5.25
CA VAL A 755 16.49 3.99 -5.95
C VAL A 755 15.53 4.69 -5.00
N LEU A 756 15.32 4.07 -3.82
CA LEU A 756 14.41 4.60 -2.80
C LEU A 756 15.12 5.64 -1.94
N GLY A 757 16.45 5.73 -2.06
CA GLY A 757 17.27 6.73 -1.41
C GLY A 757 17.26 6.57 0.12
N ILE A 758 18.00 5.59 0.66
CA ILE A 758 18.08 5.28 2.09
C ILE A 758 19.53 5.42 2.56
N CYS A 759 19.89 6.60 3.07
CA CYS A 759 21.29 6.92 3.24
C CYS A 759 21.68 6.64 4.69
N ASP A 760 20.73 6.18 5.52
CA ASP A 760 21.05 5.79 6.88
C ASP A 760 21.28 4.27 6.94
N ARG A 761 22.33 3.80 6.24
CA ARG A 761 22.65 2.39 6.08
C ARG A 761 23.97 2.08 6.79
N HIS A 762 23.91 1.85 8.10
CA HIS A 762 25.08 1.54 8.89
C HIS A 762 24.94 0.18 9.58
N ASN A 763 25.97 -0.25 10.34
CA ASN A 763 26.13 -1.59 10.90
C ASN A 763 24.93 -2.07 11.72
N ASP A 764 24.12 -1.12 12.23
CA ASP A 764 22.95 -1.42 13.05
C ASP A 764 21.70 -1.61 12.20
N ASN A 765 21.60 -0.85 11.09
CA ASN A 765 20.42 -0.77 10.26
C ASN A 765 20.35 -1.90 9.25
N ILE A 766 21.51 -2.48 8.88
CA ILE A 766 21.60 -3.67 8.02
C ILE A 766 21.59 -4.92 8.92
N MET A 767 20.89 -5.99 8.48
CA MET A 767 20.82 -7.27 9.18
C MET A 767 21.23 -8.38 8.22
N LEU A 768 21.66 -9.53 8.75
CA LEU A 768 22.16 -10.66 7.99
C LEU A 768 21.67 -11.98 8.61
N ARG A 769 20.98 -12.81 7.78
CA ARG A 769 20.46 -14.12 8.15
C ARG A 769 21.61 -15.13 8.09
N SER A 770 21.54 -16.19 8.92
CA SER A 770 22.61 -17.17 9.05
C SER A 770 22.82 -17.95 7.74
N THR A 771 21.77 -18.02 6.91
CA THR A 771 21.79 -18.65 5.60
C THR A 771 22.61 -17.83 4.59
N GLY A 772 22.83 -16.53 4.90
CA GLY A 772 23.69 -15.67 4.11
C GLY A 772 22.97 -14.43 3.58
N HIS A 773 21.65 -14.34 3.75
CA HIS A 773 20.82 -13.30 3.15
C HIS A 773 20.92 -12.00 3.95
N MET A 774 21.21 -10.89 3.25
CA MET A 774 21.27 -9.55 3.80
C MET A 774 19.93 -8.84 3.55
N PHE A 775 19.53 -7.94 4.49
CA PHE A 775 18.25 -7.21 4.44
C PHE A 775 18.28 -5.99 5.37
N HIS A 776 17.49 -4.94 5.05
CA HIS A 776 17.36 -3.75 5.88
C HIS A 776 16.23 -3.94 6.89
N ILE A 777 16.33 -3.26 8.06
CA ILE A 777 15.30 -3.33 9.10
C ILE A 777 14.73 -1.94 9.42
N ASP A 778 15.60 -0.93 9.59
CA ASP A 778 15.17 0.42 9.88
C ASP A 778 15.04 1.21 8.57
N PHE A 779 13.94 2.00 8.43
CA PHE A 779 13.66 2.83 7.26
C PHE A 779 13.28 4.25 7.69
N GLY A 780 14.02 4.77 8.68
CA GLY A 780 13.83 6.13 9.17
C GLY A 780 14.15 7.18 8.10
N LYS A 781 15.31 7.03 7.43
CA LYS A 781 15.64 7.78 6.23
C LYS A 781 15.08 7.05 5.02
N PHE A 782 14.38 7.79 4.16
CA PHE A 782 13.53 7.25 3.11
C PHE A 782 13.17 8.41 2.17
N LEU A 783 13.44 8.21 0.87
CA LEU A 783 13.23 9.24 -0.15
C LEU A 783 14.11 10.46 0.15
N GLY A 784 15.16 10.25 0.97
CA GLY A 784 16.13 11.31 1.23
C GLY A 784 17.18 11.32 0.13
N HIS A 785 16.87 11.92 -1.02
CA HIS A 785 17.78 11.94 -2.16
C HIS A 785 18.62 13.22 -2.12
N ALA A 786 18.56 13.97 -1.01
CA ALA A 786 19.53 15.02 -0.69
C ALA A 786 20.84 14.40 -0.19
N GLN A 787 21.66 13.92 -1.16
CA GLN A 787 22.94 13.26 -0.91
C GLN A 787 24.05 14.03 -1.63
N MET A 788 25.24 14.14 -1.01
CA MET A 788 26.36 14.88 -1.58
C MET A 788 27.30 13.92 -2.32
N PHE A 789 27.79 14.35 -3.50
CA PHE A 789 28.50 13.50 -4.45
C PHE A 789 30.01 13.48 -4.18
N ALA A 797 29.05 8.29 -1.52
CA ALA A 797 28.60 6.90 -1.79
C ALA A 797 27.20 6.70 -1.25
N PRO A 798 26.24 6.27 -2.10
CA PRO A 798 24.84 6.06 -1.66
C PRO A 798 24.69 4.92 -0.66
N PHE A 799 25.21 3.74 -1.07
CA PHE A 799 25.36 2.54 -0.26
C PHE A 799 26.86 2.28 -0.03
N VAL A 800 27.15 1.41 0.95
CA VAL A 800 28.51 1.13 1.40
C VAL A 800 28.75 -0.39 1.33
N LEU A 801 29.88 -0.77 0.72
CA LEU A 801 30.40 -2.14 0.67
C LEU A 801 31.77 -2.16 1.36
N THR A 802 31.79 -2.59 2.64
CA THR A 802 33.00 -2.66 3.44
C THR A 802 33.89 -3.81 2.95
N SER A 803 35.13 -3.88 3.48
CA SER A 803 36.10 -4.91 3.14
C SER A 803 35.59 -6.30 3.57
N ASP A 804 34.76 -6.35 4.64
CA ASP A 804 34.15 -7.57 5.16
C ASP A 804 33.21 -8.15 4.10
N MET A 805 32.33 -7.30 3.54
CA MET A 805 31.34 -7.66 2.56
C MET A 805 31.99 -8.12 1.26
N ALA A 806 32.99 -7.34 0.79
CA ALA A 806 33.74 -7.60 -0.44
C ALA A 806 34.45 -8.96 -0.37
N TYR A 807 34.99 -9.29 0.82
CA TYR A 807 35.66 -10.57 1.08
C TYR A 807 34.70 -11.75 0.89
N VAL A 808 33.44 -11.60 1.32
CA VAL A 808 32.41 -12.63 1.21
C VAL A 808 31.96 -12.78 -0.24
N ILE A 809 31.85 -11.64 -0.96
CA ILE A 809 31.47 -11.60 -2.37
C ILE A 809 32.53 -12.25 -3.25
N ASN A 810 33.80 -11.81 -3.11
CA ASN A 810 34.94 -12.35 -3.84
C ASN A 810 35.18 -13.83 -3.48
N GLY A 811 34.97 -14.15 -2.20
CA GLY A 811 35.39 -15.41 -1.60
C GLY A 811 36.91 -15.45 -1.37
N GLY A 812 37.52 -14.27 -1.10
CA GLY A 812 38.97 -14.06 -1.10
C GLY A 812 39.31 -12.56 -0.94
N GLU A 813 40.62 -12.24 -0.81
CA GLU A 813 41.07 -10.87 -0.65
C GLU A 813 41.35 -10.23 -2.02
N LYS A 814 41.52 -11.09 -3.05
CA LYS A 814 41.69 -10.64 -4.43
C LYS A 814 40.37 -10.82 -5.19
N PRO A 815 40.05 -9.91 -6.13
CA PRO A 815 38.83 -10.00 -6.93
C PRO A 815 38.74 -11.28 -7.76
N THR A 816 37.52 -11.84 -7.83
CA THR A 816 37.20 -13.05 -8.57
C THR A 816 36.09 -12.72 -9.57
N ILE A 817 35.58 -13.72 -10.31
CA ILE A 817 34.47 -13.52 -11.24
C ILE A 817 33.15 -13.37 -10.48
N ARG A 818 33.16 -13.66 -9.17
CA ARG A 818 31.99 -13.55 -8.31
C ARG A 818 31.64 -12.09 -8.08
N PHE A 819 32.64 -11.19 -8.14
CA PHE A 819 32.36 -9.76 -8.06
C PHE A 819 31.74 -9.25 -9.35
N GLN A 820 32.23 -9.78 -10.49
CA GLN A 820 31.63 -9.49 -11.79
C GLN A 820 30.14 -9.86 -11.77
N LEU A 821 29.80 -11.01 -11.17
CA LEU A 821 28.43 -11.49 -11.00
C LEU A 821 27.61 -10.48 -10.20
N PHE A 822 28.15 -10.07 -9.04
CA PHE A 822 27.53 -9.08 -8.17
C PHE A 822 27.23 -7.79 -8.94
N VAL A 823 28.21 -7.33 -9.72
CA VAL A 823 28.09 -6.11 -10.51
C VAL A 823 27.06 -6.28 -11.63
N ASP A 824 27.06 -7.46 -12.28
CA ASP A 824 26.11 -7.84 -13.33
C ASP A 824 24.68 -7.85 -12.80
N LEU A 825 24.48 -8.45 -11.62
CA LEU A 825 23.17 -8.55 -10.99
C LEU A 825 22.62 -7.18 -10.61
N CYS A 826 23.47 -6.35 -9.98
CA CYS A 826 23.14 -4.99 -9.58
C CYS A 826 22.58 -4.19 -10.75
N CYS A 827 23.38 -4.10 -11.84
CA CYS A 827 23.06 -3.33 -13.05
C CYS A 827 21.81 -3.89 -13.75
N GLN A 828 21.71 -5.22 -13.83
CA GLN A 828 20.58 -5.88 -14.45
C GLN A 828 19.29 -5.55 -13.71
N ALA A 829 19.34 -5.61 -12.36
CA ALA A 829 18.24 -5.27 -11.47
C ALA A 829 17.85 -3.80 -11.62
N TYR A 830 18.85 -2.91 -11.45
CA TYR A 830 18.70 -1.46 -11.60
C TYR A 830 17.88 -1.12 -12.85
N ASN A 831 18.20 -1.76 -13.99
CA ASN A 831 17.57 -1.51 -15.28
C ASN A 831 16.12 -2.00 -15.30
N LEU A 832 15.83 -3.12 -14.61
CA LEU A 832 14.50 -3.70 -14.57
C LEU A 832 13.52 -2.82 -13.78
N ILE A 833 14.08 -2.05 -12.83
CA ILE A 833 13.34 -1.07 -12.05
C ILE A 833 13.16 0.22 -12.86
N ARG A 834 14.19 0.60 -13.63
CA ARG A 834 14.14 1.75 -14.52
C ARG A 834 13.04 1.58 -15.57
N LYS A 835 12.80 0.33 -15.98
CA LYS A 835 11.77 -0.01 -16.95
C LYS A 835 10.38 0.23 -16.37
N GLN A 836 10.24 0.18 -15.03
CA GLN A 836 8.98 0.37 -14.32
C GLN A 836 8.97 1.67 -13.52
N THR A 837 9.69 2.69 -14.03
CA THR A 837 9.76 4.01 -13.42
C THR A 837 8.34 4.54 -13.15
N ASN A 838 7.43 4.35 -14.12
CA ASN A 838 6.05 4.84 -14.05
C ASN A 838 5.31 4.29 -12.82
N LEU A 839 5.43 2.98 -12.59
CA LEU A 839 4.73 2.29 -11.51
C LEU A 839 5.17 2.84 -10.16
N PHE A 840 6.48 2.97 -9.96
CA PHE A 840 7.07 3.44 -8.72
C PHE A 840 6.66 4.88 -8.40
N LEU A 841 6.67 5.74 -9.44
CA LEU A 841 6.26 7.13 -9.30
C LEU A 841 4.77 7.25 -8.99
N ASN A 842 3.94 6.32 -9.51
CA ASN A 842 2.50 6.28 -9.26
C ASN A 842 2.20 5.79 -7.84
N LEU A 843 2.95 4.77 -7.41
CA LEU A 843 2.79 4.16 -6.09
C LEU A 843 3.21 5.12 -4.98
N LEU A 844 4.24 5.93 -5.24
CA LEU A 844 4.74 6.91 -4.29
C LEU A 844 3.89 8.18 -4.32
N SER A 845 3.34 8.50 -5.50
CA SER A 845 2.43 9.63 -5.70
C SER A 845 1.16 9.46 -4.86
N LEU A 846 0.61 8.24 -4.85
CA LEU A 846 -0.67 7.95 -4.21
C LEU A 846 -0.54 7.93 -2.69
N MET A 847 0.70 7.87 -2.17
CA MET A 847 0.96 7.82 -0.74
C MET A 847 1.30 9.20 -0.15
N ILE A 848 1.33 10.23 -1.01
CA ILE A 848 1.61 11.61 -0.57
C ILE A 848 0.53 12.11 0.41
N PRO A 849 -0.79 11.86 0.17
CA PRO A 849 -1.83 12.26 1.12
C PRO A 849 -1.74 11.57 2.48
N SER A 850 -0.96 10.49 2.60
CA SER A 850 -0.85 9.73 3.84
C SER A 850 -0.36 10.61 4.99
N GLY A 851 0.53 11.56 4.70
CA GLY A 851 1.13 12.39 5.73
C GLY A 851 2.49 11.86 6.19
N LEU A 852 3.06 10.92 5.44
CA LEU A 852 4.42 10.46 5.71
C LEU A 852 5.35 11.65 5.60
N PRO A 853 6.34 11.84 6.51
CA PRO A 853 7.11 13.09 6.55
C PRO A 853 7.91 13.46 5.30
N GLU A 854 8.69 12.51 4.73
CA GLU A 854 9.44 12.84 3.52
C GLU A 854 8.50 13.00 2.31
N LEU A 855 7.46 12.17 2.18
CA LEU A 855 6.59 12.20 1.00
C LEU A 855 5.52 13.29 1.14
N THR A 856 5.90 14.55 0.89
CA THR A 856 4.97 15.68 1.04
C THR A 856 4.72 16.41 -0.28
N SER A 857 5.54 16.18 -1.31
CA SER A 857 5.41 16.96 -2.55
C SER A 857 5.68 16.12 -3.80
N ILE A 858 5.21 16.60 -4.96
CA ILE A 858 5.50 15.95 -6.24
C ILE A 858 6.99 16.09 -6.54
N GLN A 859 7.62 17.14 -6.00
CA GLN A 859 9.07 17.31 -6.14
C GLN A 859 9.80 16.08 -5.55
N ASP A 860 9.23 15.51 -4.48
CA ASP A 860 9.82 14.36 -3.81
C ASP A 860 9.81 13.14 -4.73
N LEU A 861 8.93 13.12 -5.73
CA LEU A 861 8.87 12.06 -6.72
C LEU A 861 10.00 12.24 -7.76
N LYS A 862 10.29 13.50 -8.11
CA LYS A 862 11.33 13.84 -9.07
C LYS A 862 12.68 13.25 -8.64
N TYR A 863 12.99 13.34 -7.33
CA TYR A 863 14.20 12.77 -6.74
C TYR A 863 14.36 11.29 -7.07
N VAL A 864 13.25 10.53 -7.01
CA VAL A 864 13.23 9.11 -7.33
C VAL A 864 13.38 8.90 -8.85
N ARG A 865 12.73 9.76 -9.63
CA ARG A 865 12.78 9.71 -11.09
C ARG A 865 14.20 10.00 -11.57
N ASP A 866 14.89 10.96 -10.93
CA ASP A 866 16.27 11.31 -11.21
C ASP A 866 17.21 10.15 -10.92
N ALA A 867 16.96 9.42 -9.82
CA ALA A 867 17.70 8.22 -9.42
C ALA A 867 17.57 7.12 -10.47
N LEU A 868 16.42 7.06 -11.16
CA LEU A 868 16.10 6.02 -12.11
C LEU A 868 16.56 6.36 -13.53
N GLN A 869 16.92 7.64 -13.78
CA GLN A 869 17.48 8.12 -15.05
C GLN A 869 16.76 7.48 -16.24
N PRO A 870 15.50 7.89 -16.50
CA PRO A 870 14.71 7.30 -17.59
C PRO A 870 15.18 7.70 -18.99
N GLN A 871 15.81 8.88 -19.05
CA GLN A 871 16.38 9.49 -20.24
C GLN A 871 17.44 8.59 -20.89
N THR A 872 18.36 8.04 -20.06
CA THR A 872 19.49 7.22 -20.47
C THR A 872 18.99 5.84 -20.91
N THR A 873 19.86 5.08 -21.59
CA THR A 873 19.57 3.70 -21.96
C THR A 873 20.33 2.76 -21.02
N ASP A 874 20.03 1.46 -21.13
CA ASP A 874 20.52 0.42 -20.22
C ASP A 874 22.05 0.35 -20.24
N ALA A 875 22.66 0.73 -21.38
CA ALA A 875 24.10 0.75 -21.58
C ALA A 875 24.74 1.79 -20.66
N GLU A 876 24.26 3.04 -20.76
CA GLU A 876 24.74 4.17 -19.96
C GLU A 876 24.40 4.00 -18.48
N ALA A 877 23.22 3.41 -18.19
CA ALA A 877 22.71 3.20 -16.83
C ALA A 877 23.59 2.19 -16.10
N THR A 878 24.01 1.13 -16.81
CA THR A 878 24.92 0.10 -16.32
C THR A 878 26.27 0.72 -15.95
N ILE A 879 26.78 1.64 -16.80
CA ILE A 879 28.01 2.38 -16.55
C ILE A 879 27.88 3.24 -15.30
N PHE A 880 26.71 3.85 -15.08
CA PHE A 880 26.42 4.75 -13.96
C PHE A 880 26.42 3.99 -12.64
N PHE A 881 25.69 2.87 -12.60
CA PHE A 881 25.56 2.05 -11.39
C PHE A 881 26.88 1.35 -11.05
N THR A 882 27.63 0.96 -12.10
CA THR A 882 28.94 0.36 -11.95
C THR A 882 29.92 1.36 -11.33
N ARG A 883 29.73 2.68 -11.59
CA ARG A 883 30.50 3.79 -11.02
C ARG A 883 30.05 4.07 -9.58
N LEU A 884 28.76 3.78 -9.30
CA LEU A 884 28.19 3.85 -7.96
C LEU A 884 28.84 2.80 -7.06
N ILE A 885 29.01 1.58 -7.61
CA ILE A 885 29.59 0.43 -6.89
C ILE A 885 31.07 0.68 -6.60
N GLU A 886 31.81 1.23 -7.59
CA GLU A 886 33.24 1.56 -7.48
C GLU A 886 33.43 2.64 -6.42
N SER A 887 32.50 3.60 -6.38
CA SER A 887 32.45 4.65 -5.37
C SER A 887 32.13 4.09 -3.99
N SER A 888 31.20 3.12 -3.96
CA SER A 888 30.76 2.44 -2.74
C SER A 888 31.92 1.80 -1.99
N LEU A 889 32.83 1.13 -2.72
CA LEU A 889 33.98 0.43 -2.16
C LEU A 889 34.93 1.42 -1.48
N GLY A 890 35.05 2.63 -2.04
CA GLY A 890 35.77 3.75 -1.44
C GLY A 890 37.29 3.61 -1.49
N SER A 891 37.87 3.32 -0.32
CA SER A 891 39.31 3.28 -0.12
C SER A 891 39.93 2.06 -0.83
N ILE A 892 39.25 0.90 -0.76
CA ILE A 892 39.71 -0.40 -1.23
C ILE A 892 39.29 -0.64 -2.69
N ALA A 893 38.65 0.37 -3.29
CA ALA A 893 38.20 0.36 -4.68
C ALA A 893 39.37 0.24 -5.66
N THR A 894 40.56 0.66 -5.21
CA THR A 894 41.81 0.66 -5.96
C THR A 894 42.19 -0.76 -6.39
N LYS A 895 41.87 -1.73 -5.52
CA LYS A 895 42.22 -3.13 -5.73
C LYS A 895 41.45 -3.75 -6.91
N PHE A 896 40.21 -3.29 -7.18
CA PHE A 896 39.37 -3.79 -8.28
C PHE A 896 39.67 -3.08 -9.60
N ASN A 897 39.01 -3.57 -10.67
CA ASN A 897 39.21 -3.12 -12.04
C ASN A 897 38.00 -2.34 -12.57
N PHE A 898 38.22 -1.06 -12.90
CA PHE A 898 37.38 -0.27 -13.80
C PHE A 898 37.04 -1.10 -15.06
#